data_6AHZ
#
_entry.id   6AHZ
#
_entity_poly.entity_id   1
_entity_poly.type   'polypeptide(L)'
_entity_poly.pdbx_seq_one_letter_code
;LKNKLKVRTAYPSLRLIHAVRGYWLTNKVPIKRPS
;
_entity_poly.pdbx_strand_id   A
#
# COMPACT_ATOMS: atom_id res chain seq x y z
N LEU A 1 -25.99 -1.83 -4.34
CA LEU A 1 -25.00 -1.43 -5.37
C LEU A 1 -23.70 -0.99 -4.72
N LYS A 2 -23.05 -1.92 -4.03
CA LYS A 2 -21.78 -1.65 -3.38
C LYS A 2 -20.74 -2.68 -3.79
N ASN A 3 -21.20 -3.80 -4.34
CA ASN A 3 -20.33 -4.93 -4.67
C ASN A 3 -19.20 -4.53 -5.61
N LYS A 4 -19.47 -3.60 -6.50
CA LYS A 4 -18.47 -3.15 -7.46
C LYS A 4 -17.43 -2.27 -6.77
N LEU A 5 -17.86 -1.50 -5.77
CA LEU A 5 -16.97 -0.60 -5.05
C LEU A 5 -15.89 -1.38 -4.32
N LYS A 6 -16.26 -2.56 -3.82
CA LYS A 6 -15.32 -3.43 -3.11
C LYS A 6 -14.12 -3.78 -3.97
N VAL A 7 -14.40 -4.28 -5.16
CA VAL A 7 -13.34 -4.74 -6.05
C VAL A 7 -12.71 -3.56 -6.81
N ARG A 8 -13.46 -2.47 -6.94
CA ARG A 8 -12.94 -1.27 -7.59
C ARG A 8 -11.86 -0.64 -6.73
N THR A 9 -12.04 -0.71 -5.41
CA THR A 9 -11.05 -0.21 -4.48
C THR A 9 -9.92 -1.23 -4.33
N ALA A 10 -10.22 -2.48 -4.69
CA ALA A 10 -9.26 -3.58 -4.62
C ALA A 10 -8.26 -3.53 -5.77
N TYR A 11 -8.20 -2.39 -6.42
CA TYR A 11 -7.25 -2.13 -7.48
C TYR A 11 -6.07 -1.31 -6.92
N PRO A 12 -5.14 -0.73 -7.76
CA PRO A 12 -3.97 0.01 -7.26
C PRO A 12 -4.25 0.96 -6.10
N SER A 13 -5.51 1.37 -5.96
CA SER A 13 -5.96 2.11 -4.80
C SER A 13 -5.36 1.57 -3.51
N LEU A 14 -5.72 0.35 -3.14
CA LEU A 14 -5.06 -0.30 -2.01
C LEU A 14 -3.92 -1.18 -2.49
N ARG A 15 -4.07 -1.79 -3.67
CA ARG A 15 -3.08 -2.74 -4.17
C ARG A 15 -1.71 -2.10 -4.34
N LEU A 16 -1.70 -0.86 -4.82
CA LEU A 16 -0.46 -0.17 -5.09
C LEU A 16 -0.01 0.60 -3.86
N ILE A 17 -0.98 1.24 -3.20
CA ILE A 17 -0.69 2.02 -2.00
C ILE A 17 -0.14 1.14 -0.88
N HIS A 18 -0.78 -0.01 -0.63
CA HIS A 18 -0.29 -0.94 0.39
C HIS A 18 1.14 -1.38 0.06
N ALA A 19 1.39 -1.55 -1.23
CA ALA A 19 2.70 -1.98 -1.69
C ALA A 19 3.75 -0.89 -1.50
N VAL A 20 3.47 0.29 -2.04
CA VAL A 20 4.43 1.40 -1.96
C VAL A 20 4.62 1.84 -0.52
N ARG A 21 3.63 1.62 0.33
CA ARG A 21 3.80 1.92 1.74
C ARG A 21 4.85 0.99 2.33
N GLY A 22 4.81 -0.28 1.93
CA GLY A 22 5.82 -1.23 2.33
C GLY A 22 7.19 -0.85 1.79
N TYR A 23 7.17 -0.23 0.61
CA TYR A 23 8.38 0.28 -0.01
C TYR A 23 8.93 1.43 0.82
N TRP A 24 8.05 2.38 1.14
CA TRP A 24 8.40 3.53 1.95
C TRP A 24 8.97 3.10 3.30
N LEU A 25 8.28 2.18 3.95
CA LEU A 25 8.65 1.71 5.29
C LEU A 25 10.04 1.10 5.31
N THR A 26 10.39 0.45 4.22
CA THR A 26 11.66 -0.26 4.16
C THR A 26 12.77 0.64 3.61
N ASN A 27 12.42 1.89 3.32
CA ASN A 27 13.37 2.83 2.74
C ASN A 27 13.81 3.89 3.74
N LYS A 28 12.89 4.80 4.05
CA LYS A 28 13.24 5.98 4.82
C LYS A 28 12.91 5.81 6.30
N VAL A 29 11.90 5.02 6.58
CA VAL A 29 11.42 4.90 7.94
C VAL A 29 12.18 3.80 8.69
N PRO A 30 12.63 4.09 9.92
CA PRO A 30 13.27 3.10 10.78
C PRO A 30 12.33 1.96 11.17
N ILE A 31 12.73 0.75 10.78
CA ILE A 31 11.93 -0.46 11.01
C ILE A 31 10.53 -0.33 10.41
N LYS A 32 9.59 -0.03 11.27
CA LYS A 32 8.20 0.17 10.88
C LYS A 32 7.69 1.48 11.48
N ARG A 33 8.53 2.05 12.32
CA ARG A 33 8.12 3.13 13.20
C ARG A 33 8.58 4.47 12.64
N PRO A 34 8.12 5.59 13.21
CA PRO A 34 8.68 6.90 12.89
C PRO A 34 10.19 6.93 13.14
N SER A 35 10.58 6.33 14.26
CA SER A 35 11.98 6.19 14.62
C SER A 35 12.12 5.23 15.80
N LEU A 1 -22.44 8.19 -5.44
CA LEU A 1 -23.01 6.81 -5.55
C LEU A 1 -22.66 6.21 -6.90
N LYS A 2 -21.67 5.32 -6.90
CA LYS A 2 -21.22 4.69 -8.12
C LYS A 2 -20.55 3.36 -7.78
N ASN A 3 -21.08 2.28 -8.34
CA ASN A 3 -20.57 0.93 -8.07
C ASN A 3 -19.13 0.78 -8.57
N LYS A 4 -18.70 1.73 -9.38
CA LYS A 4 -17.34 1.77 -9.90
C LYS A 4 -16.32 1.76 -8.75
N LEU A 5 -16.66 2.42 -7.66
CA LEU A 5 -15.75 2.58 -6.52
C LEU A 5 -15.47 1.24 -5.84
N LYS A 6 -16.37 0.28 -5.99
CA LYS A 6 -16.20 -1.03 -5.37
C LYS A 6 -14.99 -1.75 -5.95
N VAL A 7 -14.90 -1.78 -7.27
CA VAL A 7 -13.83 -2.48 -7.94
C VAL A 7 -12.60 -1.56 -8.07
N ARG A 8 -12.84 -0.26 -8.08
CA ARG A 8 -11.76 0.73 -8.15
C ARG A 8 -10.87 0.65 -6.92
N THR A 9 -11.49 0.59 -5.75
CA THR A 9 -10.76 0.61 -4.49
C THR A 9 -9.90 -0.64 -4.31
N ALA A 10 -10.45 -1.80 -4.68
CA ALA A 10 -9.77 -3.07 -4.45
C ALA A 10 -8.62 -3.29 -5.43
N TYR A 11 -8.45 -2.36 -6.34
CA TYR A 11 -7.37 -2.39 -7.32
C TYR A 11 -6.23 -1.44 -6.87
N PRO A 12 -5.24 -1.03 -7.74
CA PRO A 12 -4.08 -0.18 -7.33
C PRO A 12 -4.38 0.94 -6.33
N SER A 13 -5.64 1.33 -6.18
CA SER A 13 -6.05 2.19 -5.09
C SER A 13 -5.39 1.76 -3.78
N LEU A 14 -5.76 0.59 -3.28
CA LEU A 14 -5.09 0.03 -2.12
C LEU A 14 -3.96 -0.91 -2.54
N ARG A 15 -4.11 -1.57 -3.68
CA ARG A 15 -3.13 -2.57 -4.11
C ARG A 15 -1.75 -1.96 -4.32
N LEU A 16 -1.72 -0.73 -4.83
CA LEU A 16 -0.46 -0.05 -5.09
C LEU A 16 0.00 0.69 -3.84
N ILE A 17 -0.94 1.38 -3.21
CA ILE A 17 -0.65 2.11 -1.97
C ILE A 17 -0.11 1.19 -0.89
N HIS A 18 -0.77 0.04 -0.70
CA HIS A 18 -0.34 -0.93 0.30
C HIS A 18 1.06 -1.46 -0.02
N ALA A 19 1.39 -1.48 -1.30
CA ALA A 19 2.68 -1.97 -1.77
C ALA A 19 3.76 -0.93 -1.56
N VAL A 20 3.51 0.28 -2.02
CA VAL A 20 4.49 1.35 -1.90
C VAL A 20 4.67 1.77 -0.44
N ARG A 21 3.64 1.56 0.37
CA ARG A 21 3.76 1.81 1.80
C ARG A 21 4.80 0.85 2.37
N GLY A 22 4.76 -0.40 1.92
CA GLY A 22 5.74 -1.38 2.34
C GLY A 22 7.12 -1.04 1.81
N TYR A 23 7.16 -0.40 0.64
CA TYR A 23 8.39 0.09 0.06
C TYR A 23 8.95 1.21 0.94
N TRP A 24 8.10 2.17 1.23
CA TRP A 24 8.45 3.32 2.05
C TRP A 24 9.02 2.91 3.39
N LEU A 25 8.39 1.91 4.00
CA LEU A 25 8.79 1.43 5.31
C LEU A 25 10.23 0.91 5.30
N THR A 26 10.68 0.42 4.17
CA THR A 26 12.03 -0.10 4.05
C THR A 26 13.00 0.99 3.61
N ASN A 27 12.49 2.20 3.42
CA ASN A 27 13.30 3.29 2.92
C ASN A 27 13.73 4.25 4.02
N LYS A 28 12.78 5.02 4.55
CA LYS A 28 13.11 6.12 5.44
C LYS A 28 12.82 5.78 6.89
N VAL A 29 12.00 4.77 7.11
CA VAL A 29 11.57 4.45 8.44
C VAL A 29 12.45 3.34 9.03
N PRO A 30 12.65 3.35 10.36
CA PRO A 30 13.50 2.38 11.05
C PRO A 30 13.03 0.94 10.86
N ILE A 31 13.88 0.12 10.26
CA ILE A 31 13.55 -1.26 9.96
C ILE A 31 14.00 -2.19 11.07
N LYS A 32 15.31 -2.36 11.11
CA LYS A 32 15.93 -3.30 12.04
C LYS A 32 16.29 -2.60 13.34
N ARG A 33 16.24 -1.28 13.32
CA ARG A 33 16.51 -0.49 14.50
C ARG A 33 15.20 -0.04 15.14
N PRO A 34 15.18 0.17 16.47
CA PRO A 34 13.97 0.62 17.17
C PRO A 34 13.39 1.89 16.54
N SER A 35 14.14 2.97 16.60
CA SER A 35 13.72 4.24 16.01
C SER A 35 14.94 5.11 15.73
N LEU A 1 -21.21 6.53 -4.58
CA LEU A 1 -20.80 7.04 -5.91
C LEU A 1 -21.20 6.06 -7.01
N LYS A 2 -20.49 4.93 -7.10
CA LYS A 2 -20.74 3.93 -8.12
C LYS A 2 -20.78 2.55 -7.49
N ASN A 3 -21.57 1.66 -8.07
CA ASN A 3 -21.79 0.32 -7.52
C ASN A 3 -20.54 -0.54 -7.62
N LYS A 4 -19.70 -0.26 -8.60
CA LYS A 4 -18.49 -1.04 -8.81
C LYS A 4 -17.32 -0.46 -8.00
N LEU A 5 -17.49 0.76 -7.52
CA LEU A 5 -16.42 1.46 -6.79
C LEU A 5 -15.96 0.67 -5.57
N LYS A 6 -16.87 -0.15 -5.05
CA LYS A 6 -16.55 -1.02 -3.91
C LYS A 6 -15.33 -1.87 -4.21
N VAL A 7 -15.44 -2.68 -5.25
CA VAL A 7 -14.39 -3.61 -5.61
C VAL A 7 -13.36 -2.93 -6.53
N ARG A 8 -13.73 -1.77 -7.06
CA ARG A 8 -12.81 -0.99 -7.88
C ARG A 8 -11.67 -0.46 -7.02
N THR A 9 -11.93 -0.37 -5.72
CA THR A 9 -10.92 0.06 -4.77
C THR A 9 -9.88 -1.03 -4.56
N ALA A 10 -10.23 -2.27 -4.89
CA ALA A 10 -9.33 -3.40 -4.70
C ALA A 10 -8.29 -3.48 -5.80
N TYR A 11 -8.17 -2.40 -6.54
CA TYR A 11 -7.15 -2.22 -7.55
C TYR A 11 -6.05 -1.27 -7.02
N PRO A 12 -5.13 -0.68 -7.86
CA PRO A 12 -4.00 0.15 -7.36
C PRO A 12 -4.33 1.08 -6.19
N SER A 13 -5.58 1.47 -6.06
CA SER A 13 -6.03 2.22 -4.89
C SER A 13 -5.42 1.65 -3.60
N LEU A 14 -5.81 0.45 -3.23
CA LEU A 14 -5.17 -0.20 -2.10
C LEU A 14 -4.03 -1.11 -2.54
N ARG A 15 -4.13 -1.67 -3.75
CA ARG A 15 -3.13 -2.62 -4.23
C ARG A 15 -1.76 -1.97 -4.37
N LEU A 16 -1.75 -0.74 -4.86
CA LEU A 16 -0.50 -0.03 -5.10
C LEU A 16 -0.05 0.64 -3.81
N ILE A 17 -1.00 1.26 -3.12
CA ILE A 17 -0.73 1.94 -1.87
C ILE A 17 -0.17 0.97 -0.83
N HIS A 18 -0.86 -0.15 -0.60
CA HIS A 18 -0.43 -1.12 0.40
C HIS A 18 0.96 -1.68 0.06
N ALA A 19 1.31 -1.59 -1.21
CA ALA A 19 2.61 -2.07 -1.67
C ALA A 19 3.68 -1.01 -1.46
N VAL A 20 3.39 0.21 -1.93
CA VAL A 20 4.36 1.29 -1.83
C VAL A 20 4.58 1.70 -0.37
N ARG A 21 3.60 1.43 0.49
CA ARG A 21 3.79 1.66 1.91
C ARG A 21 4.90 0.76 2.42
N GLY A 22 4.87 -0.49 1.97
CA GLY A 22 5.91 -1.45 2.32
C GLY A 22 7.25 -1.03 1.77
N TYR A 23 7.22 -0.36 0.63
CA TYR A 23 8.41 0.18 0.01
C TYR A 23 8.94 1.33 0.85
N TRP A 24 8.09 2.33 1.06
CA TRP A 24 8.43 3.52 1.81
C TRP A 24 9.05 3.18 3.16
N LEU A 25 8.37 2.30 3.90
CA LEU A 25 8.75 1.96 5.26
C LEU A 25 10.17 1.43 5.36
N THR A 26 10.58 0.63 4.41
CA THR A 26 11.89 0.00 4.47
C THR A 26 12.97 0.85 3.81
N ASN A 27 12.56 1.99 3.27
CA ASN A 27 13.46 2.83 2.50
C ASN A 27 13.79 4.13 3.22
N LYS A 28 12.80 5.02 3.31
CA LYS A 28 13.03 6.37 3.82
C LYS A 28 12.78 6.45 5.32
N VAL A 29 11.97 5.53 5.82
CA VAL A 29 11.59 5.54 7.22
C VAL A 29 12.42 4.53 8.00
N PRO A 30 12.76 4.84 9.25
CA PRO A 30 13.55 3.93 10.10
C PRO A 30 12.73 2.75 10.60
N ILE A 31 13.16 1.55 10.24
CA ILE A 31 12.52 0.33 10.68
C ILE A 31 13.13 -0.16 11.98
N LYS A 32 13.07 -1.47 12.23
CA LYS A 32 13.71 -2.05 13.40
C LYS A 32 15.21 -1.84 13.33
N ARG A 33 15.69 -1.70 12.12
CA ARG A 33 17.08 -1.39 11.85
C ARG A 33 17.23 0.09 11.53
N PRO A 34 18.41 0.68 11.80
CA PRO A 34 18.69 2.07 11.42
C PRO A 34 18.45 2.31 9.93
N SER A 35 18.95 1.41 9.12
CA SER A 35 18.83 1.51 7.67
C SER A 35 19.02 0.15 7.03
N LEU A 1 -14.09 -12.35 -19.29
CA LEU A 1 -15.47 -11.91 -19.03
C LEU A 1 -15.50 -10.92 -17.88
N LYS A 2 -15.29 -9.64 -18.23
CA LYS A 2 -15.27 -8.56 -17.26
C LYS A 2 -14.23 -8.82 -16.16
N ASN A 3 -12.96 -8.60 -16.49
CA ASN A 3 -11.88 -8.78 -15.53
C ASN A 3 -11.99 -7.75 -14.40
N LYS A 4 -12.72 -6.68 -14.67
CA LYS A 4 -12.98 -5.64 -13.67
C LYS A 4 -13.73 -6.22 -12.46
N LEU A 5 -14.47 -7.28 -12.70
CA LEU A 5 -15.21 -7.94 -11.62
C LEU A 5 -14.22 -8.60 -10.65
N LYS A 6 -13.17 -9.19 -11.21
CA LYS A 6 -12.16 -9.89 -10.41
C LYS A 6 -11.32 -8.90 -9.62
N VAL A 7 -11.02 -7.79 -10.25
CA VAL A 7 -10.17 -6.77 -9.66
C VAL A 7 -11.03 -5.57 -9.20
N ARG A 8 -12.26 -5.88 -8.80
CA ARG A 8 -13.25 -4.88 -8.43
C ARG A 8 -12.71 -3.92 -7.36
N THR A 9 -12.39 -4.45 -6.19
CA THR A 9 -11.88 -3.63 -5.11
C THR A 9 -10.36 -3.74 -5.03
N ALA A 10 -9.80 -4.72 -5.71
CA ALA A 10 -8.37 -4.96 -5.69
C ALA A 10 -7.64 -4.15 -6.75
N TYR A 11 -8.31 -3.11 -7.24
CA TYR A 11 -7.70 -2.14 -8.14
C TYR A 11 -6.49 -1.43 -7.48
N PRO A 12 -5.78 -0.52 -8.17
CA PRO A 12 -4.51 0.07 -7.67
C PRO A 12 -4.61 0.72 -6.29
N SER A 13 -5.76 1.30 -5.99
CA SER A 13 -5.98 2.04 -4.73
C SER A 13 -5.28 1.40 -3.54
N LEU A 14 -5.61 0.15 -3.24
CA LEU A 14 -4.95 -0.53 -2.13
C LEU A 14 -3.72 -1.29 -2.61
N ARG A 15 -3.82 -1.92 -3.78
CA ARG A 15 -2.76 -2.79 -4.28
C ARG A 15 -1.46 -2.05 -4.49
N LEU A 16 -1.58 -0.80 -4.87
CA LEU A 16 -0.41 0.05 -5.10
C LEU A 16 0.00 0.73 -3.81
N ILE A 17 -0.99 1.30 -3.11
CA ILE A 17 -0.74 2.03 -1.89
C ILE A 17 -0.17 1.13 -0.78
N HIS A 18 -0.82 -0.01 -0.53
CA HIS A 18 -0.35 -0.94 0.51
C HIS A 18 1.10 -1.35 0.24
N ALA A 19 1.39 -1.57 -1.03
CA ALA A 19 2.70 -2.01 -1.46
C ALA A 19 3.74 -0.92 -1.27
N VAL A 20 3.46 0.26 -1.79
CA VAL A 20 4.43 1.36 -1.75
C VAL A 20 4.63 1.85 -0.33
N ARG A 21 3.64 1.65 0.53
CA ARG A 21 3.79 2.02 1.93
C ARG A 21 4.76 1.06 2.61
N GLY A 22 4.71 -0.20 2.19
CA GLY A 22 5.69 -1.16 2.65
C GLY A 22 7.06 -0.85 2.09
N TYR A 23 7.06 -0.29 0.87
CA TYR A 23 8.28 0.15 0.22
C TYR A 23 8.89 1.31 1.01
N TRP A 24 8.04 2.29 1.32
CA TRP A 24 8.45 3.48 2.06
C TRP A 24 9.17 3.11 3.36
N LEU A 25 8.55 2.23 4.13
CA LEU A 25 9.05 1.86 5.45
C LEU A 25 10.45 1.27 5.39
N THR A 26 10.73 0.53 4.34
CA THR A 26 12.00 -0.15 4.23
C THR A 26 13.04 0.68 3.48
N ASN A 27 12.63 1.89 3.06
CA ASN A 27 13.49 2.72 2.22
C ASN A 27 14.00 3.95 2.94
N LYS A 28 13.11 4.91 3.18
CA LYS A 28 13.51 6.21 3.69
C LYS A 28 13.52 6.22 5.21
N VAL A 29 12.78 5.30 5.80
CA VAL A 29 12.64 5.26 7.25
C VAL A 29 13.58 4.20 7.84
N PRO A 30 14.21 4.51 8.98
CA PRO A 30 15.17 3.62 9.63
C PRO A 30 14.50 2.41 10.30
N ILE A 31 14.89 1.23 9.84
CA ILE A 31 14.40 -0.01 10.41
C ILE A 31 15.52 -0.70 11.20
N LYS A 32 15.46 -2.03 11.33
CA LYS A 32 16.46 -2.78 12.10
C LYS A 32 17.86 -2.68 11.50
N ARG A 33 17.95 -2.11 10.32
CA ARG A 33 19.24 -1.94 9.65
C ARG A 33 19.82 -0.57 9.99
N PRO A 34 21.15 -0.38 9.86
CA PRO A 34 21.82 0.89 10.15
C PRO A 34 21.07 2.10 9.59
N SER A 35 20.66 1.99 8.33
CA SER A 35 19.87 3.02 7.66
C SER A 35 20.67 4.32 7.52
N LEU A 1 -24.37 -8.74 -12.32
CA LEU A 1 -22.95 -8.34 -12.42
C LEU A 1 -22.76 -6.97 -11.78
N LYS A 2 -22.16 -6.94 -10.61
CA LYS A 2 -21.90 -5.70 -9.90
C LYS A 2 -20.60 -5.83 -9.11
N ASN A 3 -19.73 -6.73 -9.57
CA ASN A 3 -18.48 -7.01 -8.87
C ASN A 3 -17.52 -5.83 -8.98
N LYS A 4 -17.81 -4.93 -9.90
CA LYS A 4 -16.99 -3.75 -10.12
C LYS A 4 -16.94 -2.88 -8.86
N LEU A 5 -18.08 -2.77 -8.18
CA LEU A 5 -18.16 -1.94 -6.98
C LEU A 5 -17.59 -2.69 -5.77
N LYS A 6 -17.29 -3.96 -5.97
CA LYS A 6 -16.66 -4.77 -4.93
C LYS A 6 -15.15 -4.72 -5.07
N VAL A 7 -14.68 -4.60 -6.31
CA VAL A 7 -13.26 -4.64 -6.60
C VAL A 7 -12.74 -3.26 -7.00
N ARG A 8 -13.59 -2.24 -6.85
CA ARG A 8 -13.29 -0.87 -7.24
C ARG A 8 -11.97 -0.38 -6.61
N THR A 9 -11.82 -0.62 -5.32
CA THR A 9 -10.64 -0.16 -4.60
C THR A 9 -9.55 -1.23 -4.61
N ALA A 10 -9.93 -2.46 -4.98
CA ALA A 10 -9.02 -3.60 -4.97
C ALA A 10 -8.05 -3.57 -6.14
N TYR A 11 -7.96 -2.41 -6.77
CA TYR A 11 -7.00 -2.15 -7.82
C TYR A 11 -5.84 -1.35 -7.22
N PRO A 12 -4.92 -0.73 -8.03
CA PRO A 12 -3.77 0.03 -7.48
C PRO A 12 -4.17 1.00 -6.37
N SER A 13 -5.44 1.34 -6.29
CA SER A 13 -6.00 2.10 -5.20
C SER A 13 -5.43 1.63 -3.85
N LEU A 14 -5.81 0.43 -3.42
CA LEU A 14 -5.21 -0.13 -2.23
C LEU A 14 -4.04 -1.04 -2.59
N ARG A 15 -4.13 -1.71 -3.74
CA ARG A 15 -3.13 -2.70 -4.12
C ARG A 15 -1.76 -2.07 -4.34
N LEU A 16 -1.75 -0.82 -4.79
CA LEU A 16 -0.49 -0.13 -4.99
C LEU A 16 -0.09 0.62 -3.73
N ILE A 17 -1.07 1.29 -3.13
CA ILE A 17 -0.84 2.06 -1.91
C ILE A 17 -0.34 1.17 -0.77
N HIS A 18 -1.01 0.04 -0.53
CA HIS A 18 -0.62 -0.87 0.54
C HIS A 18 0.78 -1.42 0.27
N ALA A 19 1.13 -1.54 -1.00
CA ALA A 19 2.44 -2.03 -1.40
C ALA A 19 3.51 -0.98 -1.21
N VAL A 20 3.25 0.23 -1.69
CA VAL A 20 4.24 1.30 -1.60
C VAL A 20 4.43 1.74 -0.15
N ARG A 21 3.44 1.51 0.69
CA ARG A 21 3.58 1.82 2.11
C ARG A 21 4.56 0.85 2.75
N GLY A 22 4.65 -0.34 2.17
CA GLY A 22 5.65 -1.31 2.59
C GLY A 22 7.01 -0.97 2.01
N TYR A 23 6.98 -0.41 0.80
CA TYR A 23 8.19 0.08 0.15
C TYR A 23 8.79 1.21 0.95
N TRP A 24 7.94 2.16 1.33
CA TRP A 24 8.34 3.32 2.12
C TRP A 24 9.11 2.91 3.37
N LEU A 25 8.62 1.88 4.05
CA LEU A 25 9.20 1.40 5.29
C LEU A 25 10.65 0.97 5.13
N THR A 26 10.99 0.53 3.94
CA THR A 26 12.31 -0.01 3.69
C THR A 26 13.28 1.06 3.19
N ASN A 27 12.79 2.28 3.01
CA ASN A 27 13.61 3.30 2.36
C ASN A 27 14.15 4.36 3.32
N LYS A 28 13.28 5.25 3.79
CA LYS A 28 13.76 6.40 4.56
C LYS A 28 13.36 6.30 6.03
N VAL A 29 12.31 5.56 6.31
CA VAL A 29 11.80 5.49 7.66
C VAL A 29 12.29 4.23 8.38
N PRO A 30 12.95 4.44 9.52
CA PRO A 30 13.47 3.35 10.34
C PRO A 30 12.37 2.61 11.11
N ILE A 31 12.49 1.29 11.18
CA ILE A 31 11.58 0.47 11.95
C ILE A 31 12.35 -0.11 13.13
N LYS A 32 12.12 -1.39 13.44
CA LYS A 32 12.92 -2.08 14.44
C LYS A 32 14.33 -2.25 13.93
N ARG A 33 14.43 -2.24 12.61
CA ARG A 33 15.71 -2.18 11.94
C ARG A 33 16.13 -0.73 11.80
N PRO A 34 17.22 -0.31 12.48
CA PRO A 34 17.73 1.05 12.37
C PRO A 34 18.17 1.38 10.95
N SER A 35 18.57 0.35 10.22
CA SER A 35 18.93 0.48 8.83
C SER A 35 18.69 -0.86 8.13
N LEU A 1 -23.76 3.71 -5.11
CA LEU A 1 -22.73 4.62 -4.54
C LEU A 1 -21.41 4.48 -5.32
N LYS A 2 -21.49 4.64 -6.63
CA LYS A 2 -20.34 4.47 -7.52
C LYS A 2 -19.76 3.07 -7.42
N ASN A 3 -20.44 2.11 -8.03
CA ASN A 3 -20.00 0.71 -8.03
C ASN A 3 -18.61 0.60 -8.62
N LYS A 4 -18.31 1.46 -9.58
CA LYS A 4 -16.99 1.47 -10.21
C LYS A 4 -15.90 1.72 -9.17
N LEU A 5 -16.12 2.70 -8.30
CA LEU A 5 -15.15 3.03 -7.28
C LEU A 5 -14.99 1.90 -6.27
N LYS A 6 -16.11 1.25 -5.95
CA LYS A 6 -16.09 0.10 -5.05
C LYS A 6 -15.09 -0.96 -5.52
N VAL A 7 -15.26 -1.37 -6.76
CA VAL A 7 -14.43 -2.43 -7.32
C VAL A 7 -13.03 -1.89 -7.69
N ARG A 8 -12.96 -0.61 -8.03
CA ARG A 8 -11.70 0.03 -8.40
C ARG A 8 -10.77 0.11 -7.20
N THR A 9 -11.35 0.13 -6.01
CA THR A 9 -10.56 0.20 -4.78
C THR A 9 -9.70 -1.06 -4.62
N ALA A 10 -10.21 -2.19 -5.11
CA ALA A 10 -9.51 -3.46 -4.99
C ALA A 10 -8.32 -3.54 -5.94
N TYR A 11 -8.16 -2.50 -6.73
CA TYR A 11 -7.06 -2.38 -7.68
C TYR A 11 -6.01 -1.39 -7.12
N PRO A 12 -5.05 -0.81 -7.92
CA PRO A 12 -3.96 0.05 -7.41
C PRO A 12 -4.34 1.00 -6.27
N SER A 13 -5.62 1.35 -6.18
CA SER A 13 -6.13 2.08 -5.03
C SER A 13 -5.53 1.56 -3.73
N LEU A 14 -5.86 0.33 -3.34
CA LEU A 14 -5.22 -0.26 -2.19
C LEU A 14 -4.03 -1.12 -2.62
N ARG A 15 -4.09 -1.69 -3.82
CA ARG A 15 -3.05 -2.61 -4.29
C ARG A 15 -1.70 -1.92 -4.44
N LEU A 16 -1.73 -0.67 -4.88
CA LEU A 16 -0.50 0.07 -5.09
C LEU A 16 -0.11 0.80 -3.81
N ILE A 17 -1.10 1.38 -3.14
CA ILE A 17 -0.88 2.11 -1.91
C ILE A 17 -0.32 1.19 -0.81
N HIS A 18 -0.99 0.06 -0.57
CA HIS A 18 -0.55 -0.86 0.47
C HIS A 18 0.87 -1.34 0.20
N ALA A 19 1.17 -1.51 -1.07
CA ALA A 19 2.48 -1.98 -1.49
C ALA A 19 3.55 -0.92 -1.29
N VAL A 20 3.28 0.30 -1.78
CA VAL A 20 4.26 1.36 -1.69
C VAL A 20 4.51 1.78 -0.25
N ARG A 21 3.54 1.52 0.63
CA ARG A 21 3.76 1.79 2.05
C ARG A 21 4.85 0.86 2.56
N GLY A 22 4.80 -0.38 2.10
CA GLY A 22 5.80 -1.36 2.47
C GLY A 22 7.15 -1.00 1.88
N TYR A 23 7.12 -0.39 0.70
CA TYR A 23 8.32 0.11 0.05
C TYR A 23 8.91 1.24 0.86
N TRP A 24 8.07 2.20 1.20
CA TRP A 24 8.47 3.39 1.93
C TRP A 24 9.15 3.02 3.24
N LEU A 25 8.54 2.12 3.99
CA LEU A 25 9.01 1.73 5.30
C LEU A 25 10.44 1.19 5.28
N THR A 26 10.79 0.51 4.20
CA THR A 26 12.10 -0.12 4.11
C THR A 26 13.14 0.81 3.51
N ASN A 27 12.74 2.02 3.19
CA ASN A 27 13.62 2.96 2.52
C ASN A 27 14.05 4.11 3.41
N LYS A 28 13.12 4.99 3.73
CA LYS A 28 13.45 6.22 4.46
C LYS A 28 13.31 6.02 5.95
N VAL A 29 12.47 5.09 6.33
CA VAL A 29 12.14 4.87 7.73
C VAL A 29 12.93 3.69 8.28
N PRO A 30 13.36 3.77 9.56
CA PRO A 30 14.09 2.68 10.20
C PRO A 30 13.18 1.49 10.50
N ILE A 31 13.50 0.35 9.91
CA ILE A 31 12.74 -0.86 10.12
C ILE A 31 13.12 -1.54 11.42
N LYS A 32 12.87 -2.84 11.54
CA LYS A 32 13.24 -3.59 12.74
C LYS A 32 14.75 -3.54 12.97
N ARG A 33 15.45 -3.24 11.90
CA ARG A 33 16.88 -3.05 11.94
C ARG A 33 17.19 -1.58 12.18
N PRO A 34 17.99 -1.27 13.21
CA PRO A 34 18.29 0.11 13.60
C PRO A 34 18.95 0.92 12.49
N SER A 35 19.60 0.23 11.57
CA SER A 35 20.19 0.86 10.41
C SER A 35 20.07 -0.06 9.20
N LEU A 1 -26.21 1.06 -2.70
CA LEU A 1 -24.82 1.04 -3.22
C LEU A 1 -24.53 -0.28 -3.90
N LYS A 2 -23.63 -0.24 -4.88
CA LYS A 2 -23.20 -1.44 -5.57
C LYS A 2 -22.00 -2.05 -4.85
N ASN A 3 -21.83 -3.35 -5.01
CA ASN A 3 -20.71 -4.06 -4.40
C ASN A 3 -19.40 -3.65 -5.07
N LYS A 4 -19.52 -2.94 -6.19
CA LYS A 4 -18.37 -2.45 -6.94
C LYS A 4 -17.45 -1.61 -6.06
N LEU A 5 -18.03 -0.87 -5.11
CA LEU A 5 -17.25 0.00 -4.23
C LEU A 5 -16.17 -0.78 -3.48
N LYS A 6 -16.44 -2.05 -3.21
CA LYS A 6 -15.49 -2.91 -2.52
C LYS A 6 -14.36 -3.32 -3.44
N VAL A 7 -14.73 -3.95 -4.54
CA VAL A 7 -13.76 -4.49 -5.48
C VAL A 7 -12.98 -3.37 -6.18
N ARG A 8 -13.60 -2.19 -6.26
CA ARG A 8 -12.96 -1.01 -6.85
C ARG A 8 -11.72 -0.61 -6.04
N THR A 9 -11.78 -0.88 -4.75
CA THR A 9 -10.68 -0.53 -3.86
C THR A 9 -9.57 -1.57 -3.94
N ALA A 10 -9.93 -2.77 -4.38
CA ALA A 10 -8.98 -3.88 -4.47
C ALA A 10 -8.06 -3.73 -5.66
N TYR A 11 -8.08 -2.56 -6.24
CA TYR A 11 -7.20 -2.21 -7.34
C TYR A 11 -6.03 -1.36 -6.81
N PRO A 12 -5.19 -0.71 -7.67
CA PRO A 12 -4.01 0.07 -7.21
C PRO A 12 -4.30 0.99 -6.01
N SER A 13 -5.54 1.37 -5.83
CA SER A 13 -5.96 2.16 -4.67
C SER A 13 -5.37 1.59 -3.38
N LEU A 14 -5.68 0.34 -3.06
CA LEU A 14 -5.00 -0.31 -1.96
C LEU A 14 -3.82 -1.14 -2.47
N ARG A 15 -3.97 -1.77 -3.64
CA ARG A 15 -2.96 -2.72 -4.13
C ARG A 15 -1.63 -2.05 -4.46
N LEU A 16 -1.68 -0.81 -4.89
CA LEU A 16 -0.46 -0.07 -5.22
C LEU A 16 0.01 0.66 -3.98
N ILE A 17 -0.94 1.28 -3.28
CA ILE A 17 -0.64 2.04 -2.08
C ILE A 17 -0.03 1.14 -0.99
N HIS A 18 -0.69 0.02 -0.68
CA HIS A 18 -0.19 -0.88 0.35
C HIS A 18 1.20 -1.40 -0.02
N ALA A 19 1.44 -1.54 -1.32
CA ALA A 19 2.72 -1.99 -1.81
C ALA A 19 3.78 -0.92 -1.63
N VAL A 20 3.51 0.28 -2.12
CA VAL A 20 4.46 1.39 -2.01
C VAL A 20 4.63 1.80 -0.55
N ARG A 21 3.61 1.56 0.27
CA ARG A 21 3.75 1.80 1.70
C ARG A 21 4.80 0.87 2.27
N GLY A 22 4.75 -0.39 1.84
CA GLY A 22 5.75 -1.36 2.25
C GLY A 22 7.12 -1.02 1.69
N TYR A 23 7.12 -0.28 0.58
CA TYR A 23 8.37 0.22 0.01
C TYR A 23 8.90 1.35 0.86
N TRP A 24 8.06 2.36 1.08
CA TRP A 24 8.42 3.53 1.88
C TRP A 24 8.95 3.13 3.25
N LEU A 25 8.22 2.24 3.91
CA LEU A 25 8.54 1.82 5.28
C LEU A 25 9.94 1.22 5.38
N THR A 26 10.34 0.49 4.35
CA THR A 26 11.62 -0.19 4.38
C THR A 26 12.72 0.68 3.78
N ASN A 27 12.35 1.88 3.36
CA ASN A 27 13.29 2.79 2.71
C ASN A 27 13.61 4.02 3.54
N LYS A 28 12.64 4.90 3.68
CA LYS A 28 12.87 6.24 4.19
C LYS A 28 12.45 6.38 5.65
N VAL A 29 11.69 5.42 6.14
CA VAL A 29 11.14 5.52 7.48
C VAL A 29 11.97 4.68 8.46
N PRO A 30 12.11 5.16 9.70
CA PRO A 30 12.88 4.46 10.73
C PRO A 30 12.13 3.28 11.34
N ILE A 31 12.68 2.09 11.19
CA ILE A 31 12.13 0.90 11.82
C ILE A 31 13.18 0.24 12.68
N LYS A 32 14.21 -0.20 12.02
CA LYS A 32 15.36 -0.81 12.65
C LYS A 32 16.23 0.26 13.28
N ARG A 33 16.53 1.24 12.46
CA ARG A 33 17.34 2.38 12.87
C ARG A 33 16.42 3.47 13.42
N PRO A 34 16.86 4.16 14.48
CA PRO A 34 16.10 5.27 15.07
C PRO A 34 16.12 6.51 14.17
N SER A 35 17.19 6.66 13.40
CA SER A 35 17.32 7.75 12.46
C SER A 35 18.42 7.42 11.47
N LEU A 1 -24.01 -6.79 -14.52
CA LEU A 1 -22.90 -7.14 -13.60
C LEU A 1 -21.78 -6.12 -13.71
N LYS A 2 -21.83 -5.10 -12.87
CA LYS A 2 -20.80 -4.08 -12.85
C LYS A 2 -19.80 -4.35 -11.74
N ASN A 3 -19.22 -5.54 -11.78
CA ASN A 3 -18.33 -6.01 -10.72
C ASN A 3 -17.05 -5.18 -10.67
N LYS A 4 -16.75 -4.48 -11.76
CA LYS A 4 -15.58 -3.62 -11.81
C LYS A 4 -15.66 -2.53 -10.75
N LEU A 5 -16.88 -2.09 -10.46
CA LEU A 5 -17.10 -1.06 -9.46
C LEU A 5 -17.19 -1.65 -8.05
N LYS A 6 -17.23 -2.97 -7.98
CA LYS A 6 -17.26 -3.66 -6.70
C LYS A 6 -15.83 -3.94 -6.22
N VAL A 7 -14.99 -4.37 -7.14
CA VAL A 7 -13.61 -4.71 -6.85
C VAL A 7 -12.69 -3.52 -7.23
N ARG A 8 -13.31 -2.37 -7.44
CA ARG A 8 -12.63 -1.17 -7.90
C ARG A 8 -11.55 -0.74 -6.91
N THR A 9 -11.83 -0.87 -5.62
CA THR A 9 -10.91 -0.46 -4.58
C THR A 9 -9.73 -1.44 -4.46
N ALA A 10 -9.98 -2.70 -4.83
CA ALA A 10 -8.98 -3.76 -4.67
C ALA A 10 -7.96 -3.72 -5.80
N TYR A 11 -7.94 -2.62 -6.51
CA TYR A 11 -6.96 -2.36 -7.54
C TYR A 11 -5.88 -1.39 -6.99
N PRO A 12 -5.02 -0.72 -7.82
CA PRO A 12 -3.90 0.10 -7.32
C PRO A 12 -4.26 1.05 -6.17
N SER A 13 -5.53 1.35 -6.02
CA SER A 13 -6.00 2.17 -4.91
C SER A 13 -5.47 1.62 -3.58
N LEU A 14 -5.81 0.39 -3.24
CA LEU A 14 -5.20 -0.24 -2.08
C LEU A 14 -3.98 -1.05 -2.48
N ARG A 15 -4.00 -1.67 -3.65
CA ARG A 15 -2.91 -2.55 -4.08
C ARG A 15 -1.60 -1.79 -4.16
N LEU A 16 -1.61 -0.65 -4.84
CA LEU A 16 -0.40 0.12 -5.03
C LEU A 16 -0.01 0.81 -3.73
N ILE A 17 -1.01 1.38 -3.07
CA ILE A 17 -0.81 2.09 -1.81
C ILE A 17 -0.26 1.17 -0.73
N HIS A 18 -0.88 0.01 -0.53
CA HIS A 18 -0.43 -0.92 0.49
C HIS A 18 0.96 -1.43 0.17
N ALA A 19 1.24 -1.60 -1.12
CA ALA A 19 2.54 -2.09 -1.57
C ALA A 19 3.62 -1.02 -1.41
N VAL A 20 3.35 0.17 -1.93
CA VAL A 20 4.33 1.25 -1.92
C VAL A 20 4.66 1.65 -0.49
N ARG A 21 3.69 1.50 0.39
CA ARG A 21 3.91 1.87 1.77
C ARG A 21 4.85 0.88 2.43
N GLY A 22 4.79 -0.37 1.96
CA GLY A 22 5.76 -1.36 2.39
C GLY A 22 7.14 -1.02 1.84
N TYR A 23 7.16 -0.47 0.63
CA TYR A 23 8.38 0.01 0.02
C TYR A 23 8.94 1.17 0.84
N TRP A 24 8.09 2.16 1.06
CA TRP A 24 8.42 3.34 1.81
C TRP A 24 8.93 2.99 3.21
N LEU A 25 8.26 2.04 3.84
CA LEU A 25 8.62 1.59 5.18
C LEU A 25 10.06 1.10 5.23
N THR A 26 10.52 0.48 4.16
CA THR A 26 11.85 -0.08 4.12
C THR A 26 12.87 0.92 3.57
N ASN A 27 12.41 2.12 3.26
CA ASN A 27 13.26 3.10 2.59
C ASN A 27 13.72 4.22 3.53
N LYS A 28 12.80 5.08 3.89
CA LYS A 28 13.18 6.31 4.59
C LYS A 28 12.83 6.25 6.07
N VAL A 29 11.84 5.45 6.40
CA VAL A 29 11.34 5.40 7.76
C VAL A 29 11.87 4.17 8.50
N PRO A 30 12.46 4.37 9.67
CA PRO A 30 12.98 3.29 10.50
C PRO A 30 11.86 2.50 11.17
N ILE A 31 11.98 1.18 11.14
CA ILE A 31 11.02 0.30 11.79
C ILE A 31 11.44 0.11 13.25
N LYS A 32 11.32 -1.10 13.78
CA LYS A 32 11.82 -1.39 15.12
C LYS A 32 13.34 -1.58 15.06
N ARG A 33 13.84 -1.49 13.83
CA ARG A 33 15.26 -1.66 13.54
C ARG A 33 15.93 -0.29 13.57
N PRO A 34 17.27 -0.22 13.48
CA PRO A 34 17.98 1.05 13.33
C PRO A 34 17.44 1.84 12.14
N SER A 35 17.11 1.12 11.09
CA SER A 35 16.48 1.69 9.92
C SER A 35 15.58 0.62 9.28
N LEU A 1 -24.38 -7.03 -4.33
CA LEU A 1 -25.17 -5.81 -4.05
C LEU A 1 -24.29 -4.57 -4.11
N LYS A 2 -23.34 -4.47 -3.19
CA LYS A 2 -22.45 -3.32 -3.13
C LYS A 2 -21.03 -3.76 -3.53
N ASN A 3 -20.62 -3.38 -4.73
CA ASN A 3 -19.33 -3.81 -5.26
C ASN A 3 -18.35 -2.64 -5.34
N LYS A 4 -18.80 -1.46 -4.90
CA LYS A 4 -18.05 -0.23 -5.04
C LYS A 4 -16.62 -0.36 -4.50
N LEU A 5 -16.50 -0.68 -3.21
CA LEU A 5 -15.18 -0.77 -2.57
C LEU A 5 -14.36 -1.92 -3.15
N LYS A 6 -15.06 -2.92 -3.68
CA LYS A 6 -14.42 -4.12 -4.18
C LYS A 6 -13.80 -3.92 -5.55
N VAL A 7 -14.39 -3.05 -6.34
CA VAL A 7 -13.92 -2.84 -7.71
C VAL A 7 -13.18 -1.52 -7.85
N ARG A 8 -13.40 -0.61 -6.90
CA ARG A 8 -12.72 0.67 -6.92
C ARG A 8 -11.47 0.64 -6.06
N THR A 9 -11.65 0.34 -4.77
CA THR A 9 -10.55 0.45 -3.81
C THR A 9 -9.66 -0.79 -3.81
N ALA A 10 -10.25 -1.97 -4.08
CA ALA A 10 -9.50 -3.23 -4.01
C ALA A 10 -8.51 -3.38 -5.16
N TYR A 11 -8.42 -2.34 -5.97
CA TYR A 11 -7.48 -2.25 -7.07
C TYR A 11 -6.29 -1.37 -6.67
N PRO A 12 -5.41 -0.87 -7.61
CA PRO A 12 -4.21 -0.05 -7.24
C PRO A 12 -4.44 1.01 -6.17
N SER A 13 -5.68 1.38 -5.91
CA SER A 13 -6.01 2.19 -4.75
C SER A 13 -5.27 1.71 -3.51
N LEU A 14 -5.63 0.55 -3.00
CA LEU A 14 -4.88 -0.03 -1.89
C LEU A 14 -3.80 -0.98 -2.40
N ARG A 15 -4.03 -1.60 -3.57
CA ARG A 15 -3.10 -2.60 -4.09
C ARG A 15 -1.74 -1.99 -4.42
N LEU A 16 -1.75 -0.75 -4.88
CA LEU A 16 -0.51 -0.08 -5.26
C LEU A 16 0.04 0.67 -4.06
N ILE A 17 -0.85 1.33 -3.33
CA ILE A 17 -0.46 2.07 -2.14
C ILE A 17 0.13 1.14 -1.08
N HIS A 18 -0.54 0.03 -0.79
CA HIS A 18 -0.03 -0.92 0.20
C HIS A 18 1.36 -1.41 -0.18
N ALA A 19 1.55 -1.66 -1.47
CA ALA A 19 2.83 -2.11 -1.99
C ALA A 19 3.91 -1.04 -1.80
N VAL A 20 3.63 0.17 -2.27
CA VAL A 20 4.60 1.25 -2.16
C VAL A 20 4.76 1.70 -0.71
N ARG A 21 3.76 1.46 0.12
CA ARG A 21 3.88 1.76 1.53
C ARG A 21 4.87 0.79 2.17
N GLY A 22 4.86 -0.45 1.70
CA GLY A 22 5.85 -1.42 2.15
C GLY A 22 7.24 -1.01 1.71
N TYR A 23 7.30 -0.37 0.54
CA TYR A 23 8.53 0.18 0.01
C TYR A 23 8.96 1.37 0.87
N TRP A 24 7.99 2.23 1.16
CA TRP A 24 8.20 3.42 1.99
C TRP A 24 8.73 3.04 3.37
N LEU A 25 8.08 2.08 4.01
CA LEU A 25 8.42 1.67 5.37
C LEU A 25 9.85 1.18 5.49
N THR A 26 10.33 0.52 4.44
CA THR A 26 11.64 -0.07 4.46
C THR A 26 12.71 0.89 3.94
N ASN A 27 12.29 2.10 3.57
CA ASN A 27 13.21 3.06 3.00
C ASN A 27 13.48 4.24 3.93
N LYS A 28 12.47 5.09 4.11
CA LYS A 28 12.66 6.35 4.83
C LYS A 28 12.33 6.20 6.31
N VAL A 29 11.35 5.36 6.59
CA VAL A 29 10.78 5.28 7.92
C VAL A 29 11.53 4.25 8.78
N PRO A 30 11.63 4.51 10.10
CA PRO A 30 12.19 3.56 11.05
C PRO A 30 11.33 2.31 11.19
N ILE A 31 11.90 1.16 10.87
CA ILE A 31 11.19 -0.11 10.97
C ILE A 31 11.39 -0.68 12.38
N LYS A 32 11.65 -1.97 12.44
CA LYS A 32 12.02 -2.61 13.71
C LYS A 32 13.51 -2.38 13.96
N ARG A 33 14.12 -1.63 13.06
CA ARG A 33 15.52 -1.28 13.15
C ARG A 33 15.67 0.11 13.76
N PRO A 34 16.62 0.28 14.69
CA PRO A 34 16.86 1.56 15.36
C PRO A 34 17.30 2.66 14.38
N SER A 35 17.79 2.25 13.22
CA SER A 35 18.20 3.18 12.20
C SER A 35 17.84 2.64 10.82
N LEU A 1 -21.52 1.99 -9.88
CA LEU A 1 -21.25 1.20 -11.11
C LEU A 1 -21.22 -0.29 -10.79
N LYS A 2 -22.41 -0.89 -10.71
CA LYS A 2 -22.57 -2.32 -10.50
C LYS A 2 -21.70 -2.83 -9.35
N ASN A 3 -20.77 -3.74 -9.66
CA ASN A 3 -19.86 -4.29 -8.66
C ASN A 3 -18.45 -3.78 -8.92
N LYS A 4 -18.26 -3.18 -10.10
CA LYS A 4 -16.94 -2.72 -10.51
C LYS A 4 -16.44 -1.61 -9.59
N LEU A 5 -17.31 -0.67 -9.25
CA LEU A 5 -16.94 0.45 -8.39
C LEU A 5 -16.53 -0.05 -7.01
N LYS A 6 -17.10 -1.19 -6.62
CA LYS A 6 -16.78 -1.80 -5.34
C LYS A 6 -15.41 -2.45 -5.37
N VAL A 7 -15.22 -3.34 -6.32
CA VAL A 7 -14.04 -4.17 -6.38
C VAL A 7 -12.84 -3.42 -6.96
N ARG A 8 -13.10 -2.27 -7.60
CA ARG A 8 -12.03 -1.47 -8.20
C ARG A 8 -11.09 -0.95 -7.12
N THR A 9 -11.57 -0.90 -5.89
CA THR A 9 -10.77 -0.46 -4.76
C THR A 9 -9.65 -1.47 -4.49
N ALA A 10 -9.88 -2.73 -4.87
CA ALA A 10 -8.92 -3.80 -4.64
C ALA A 10 -7.84 -3.79 -5.71
N TYR A 11 -7.82 -2.73 -6.50
CA TYR A 11 -6.78 -2.48 -7.49
C TYR A 11 -5.83 -1.40 -6.91
N PRO A 12 -4.96 -0.69 -7.70
CA PRO A 12 -3.91 0.21 -7.17
C PRO A 12 -4.30 1.03 -5.93
N SER A 13 -5.57 1.38 -5.80
CA SER A 13 -6.07 2.09 -4.63
C SER A 13 -5.50 1.47 -3.34
N LEU A 14 -5.74 0.19 -3.10
CA LEU A 14 -5.05 -0.49 -2.01
C LEU A 14 -3.82 -1.24 -2.53
N ARG A 15 -3.89 -1.79 -3.74
CA ARG A 15 -2.81 -2.65 -4.26
C ARG A 15 -1.52 -1.89 -4.46
N LEU A 16 -1.63 -0.65 -4.89
CA LEU A 16 -0.45 0.18 -5.13
C LEU A 16 -0.01 0.81 -3.83
N ILE A 17 -1.00 1.34 -3.11
CA ILE A 17 -0.76 1.99 -1.83
C ILE A 17 -0.11 1.03 -0.84
N HIS A 18 -0.75 -0.13 -0.59
CA HIS A 18 -0.22 -1.10 0.37
C HIS A 18 1.20 -1.50 0.01
N ALA A 19 1.47 -1.53 -1.28
CA ALA A 19 2.79 -1.89 -1.78
C ALA A 19 3.80 -0.78 -1.53
N VAL A 20 3.49 0.41 -2.00
CA VAL A 20 4.41 1.53 -1.88
C VAL A 20 4.55 1.98 -0.43
N ARG A 21 3.50 1.79 0.36
CA ARG A 21 3.59 2.11 1.78
C ARG A 21 4.58 1.18 2.44
N GLY A 22 4.59 -0.08 1.98
CA GLY A 22 5.56 -1.04 2.45
C GLY A 22 6.94 -0.74 1.90
N TYR A 23 6.97 -0.22 0.68
CA TYR A 23 8.20 0.21 0.06
C TYR A 23 8.82 1.33 0.86
N TRP A 24 8.02 2.37 1.09
CA TRP A 24 8.45 3.54 1.83
C TRP A 24 9.01 3.18 3.21
N LEU A 25 8.29 2.32 3.92
CA LEU A 25 8.65 1.96 5.29
C LEU A 25 9.93 1.15 5.37
N THR A 26 10.27 0.46 4.30
CA THR A 26 11.48 -0.34 4.28
C THR A 26 12.66 0.40 3.65
N ASN A 27 12.41 1.56 3.06
CA ASN A 27 13.41 2.24 2.23
C ASN A 27 13.94 3.53 2.82
N LYS A 28 13.11 4.56 2.81
CA LYS A 28 13.55 5.92 3.10
C LYS A 28 13.58 6.20 4.60
N VAL A 29 13.43 5.15 5.35
CA VAL A 29 13.35 5.25 6.80
C VAL A 29 14.72 4.93 7.42
N PRO A 30 14.92 5.32 8.69
CA PRO A 30 16.15 4.99 9.42
C PRO A 30 16.30 3.48 9.61
N ILE A 31 17.38 2.91 9.05
CA ILE A 31 17.64 1.50 9.13
C ILE A 31 16.57 0.72 8.35
N LYS A 32 16.77 -0.57 8.15
CA LYS A 32 15.76 -1.41 7.49
C LYS A 32 14.55 -1.62 8.39
N ARG A 33 14.64 -1.07 9.59
CA ARG A 33 13.57 -1.11 10.56
C ARG A 33 12.84 0.23 10.55
N PRO A 34 11.68 0.36 11.24
CA PRO A 34 10.99 1.66 11.34
C PRO A 34 11.92 2.77 11.81
N SER A 35 12.67 2.49 12.87
CA SER A 35 13.63 3.44 13.44
C SER A 35 14.64 2.69 14.31
N LEU A 1 -21.09 -4.91 4.97
CA LEU A 1 -19.96 -3.98 5.21
C LEU A 1 -18.63 -4.69 4.98
N LYS A 2 -17.58 -3.90 4.74
CA LYS A 2 -16.21 -4.41 4.53
C LYS A 2 -16.05 -5.14 3.20
N ASN A 3 -16.87 -6.17 2.99
CA ASN A 3 -16.76 -7.02 1.80
C ASN A 3 -16.75 -6.18 0.51
N LYS A 4 -17.72 -5.29 0.39
CA LYS A 4 -17.83 -4.43 -0.80
C LYS A 4 -16.59 -3.56 -0.94
N LEU A 5 -16.18 -2.95 0.17
CA LEU A 5 -15.07 -2.02 0.17
C LEU A 5 -13.77 -2.72 -0.23
N LYS A 6 -13.56 -3.90 0.31
CA LYS A 6 -12.36 -4.68 0.03
C LYS A 6 -12.24 -5.01 -1.45
N VAL A 7 -13.22 -5.73 -1.96
CA VAL A 7 -13.14 -6.29 -3.29
C VAL A 7 -13.26 -5.21 -4.37
N ARG A 8 -13.92 -4.11 -4.06
CA ARG A 8 -14.04 -3.02 -5.02
C ARG A 8 -12.77 -2.18 -5.07
N THR A 9 -12.12 -2.01 -3.94
CA THR A 9 -10.91 -1.21 -3.86
C THR A 9 -9.67 -2.08 -4.13
N ALA A 10 -9.92 -3.35 -4.48
CA ALA A 10 -8.87 -4.35 -4.66
C ALA A 10 -8.03 -4.12 -5.93
N TYR A 11 -8.19 -2.96 -6.52
CA TYR A 11 -7.39 -2.55 -7.67
C TYR A 11 -6.29 -1.58 -7.17
N PRO A 12 -5.52 -0.87 -8.06
CA PRO A 12 -4.35 -0.05 -7.65
C PRO A 12 -4.53 0.78 -6.38
N SER A 13 -5.75 1.22 -6.10
CA SER A 13 -6.05 1.99 -4.88
C SER A 13 -5.31 1.44 -3.66
N LEU A 14 -5.67 0.26 -3.20
CA LEU A 14 -4.97 -0.31 -2.05
C LEU A 14 -3.81 -1.17 -2.52
N ARG A 15 -3.92 -1.74 -3.71
CA ARG A 15 -2.89 -2.61 -4.25
C ARG A 15 -1.55 -1.88 -4.39
N LEU A 16 -1.62 -0.65 -4.85
CA LEU A 16 -0.43 0.15 -5.07
C LEU A 16 -0.03 0.86 -3.79
N ILE A 17 -1.01 1.43 -3.10
CA ILE A 17 -0.77 2.14 -1.85
C ILE A 17 -0.17 1.22 -0.78
N HIS A 18 -0.77 0.06 -0.56
CA HIS A 18 -0.27 -0.89 0.43
C HIS A 18 1.17 -1.28 0.12
N ALA A 19 1.44 -1.47 -1.16
CA ALA A 19 2.75 -1.87 -1.63
C ALA A 19 3.77 -0.76 -1.39
N VAL A 20 3.47 0.45 -1.83
CA VAL A 20 4.41 1.55 -1.71
C VAL A 20 4.59 1.95 -0.25
N ARG A 21 3.58 1.69 0.58
CA ARG A 21 3.71 1.93 2.00
C ARG A 21 4.78 1.01 2.57
N GLY A 22 4.79 -0.23 2.08
CA GLY A 22 5.82 -1.18 2.47
C GLY A 22 7.16 -0.78 1.90
N TYR A 23 7.14 -0.24 0.70
CA TYR A 23 8.34 0.25 0.05
C TYR A 23 8.95 1.38 0.87
N TRP A 24 8.12 2.38 1.16
CA TRP A 24 8.53 3.53 1.93
C TRP A 24 9.09 3.12 3.29
N LEU A 25 8.39 2.20 3.96
CA LEU A 25 8.76 1.75 5.29
C LEU A 25 10.15 1.12 5.30
N THR A 26 10.48 0.40 4.24
CA THR A 26 11.72 -0.34 4.20
C THR A 26 12.86 0.48 3.58
N ASN A 27 12.56 1.72 3.22
CA ASN A 27 13.53 2.56 2.52
C ASN A 27 14.15 3.62 3.41
N LYS A 28 13.36 4.62 3.76
CA LYS A 28 13.88 5.81 4.44
C LYS A 28 13.84 5.61 5.94
N VAL A 29 12.76 5.00 6.40
CA VAL A 29 12.44 4.93 7.80
C VAL A 29 12.89 3.61 8.41
N PRO A 30 13.56 3.67 9.57
CA PRO A 30 14.00 2.47 10.29
C PRO A 30 12.85 1.78 11.01
N ILE A 31 12.80 0.46 10.90
CA ILE A 31 11.77 -0.33 11.57
C ILE A 31 12.34 -0.96 12.83
N LYS A 32 12.16 -2.26 12.98
CA LYS A 32 12.67 -2.98 14.14
C LYS A 32 14.17 -3.20 14.02
N ARG A 33 14.69 -2.88 12.87
CA ARG A 33 16.12 -2.96 12.62
C ARG A 33 16.73 -1.56 12.67
N PRO A 34 18.08 -1.43 12.80
CA PRO A 34 18.74 -0.13 12.83
C PRO A 34 18.37 0.74 11.62
N SER A 35 18.10 0.08 10.51
CA SER A 35 17.62 0.75 9.31
C SER A 35 16.56 -0.12 8.63
N LEU A 1 -25.56 -0.08 -6.19
CA LEU A 1 -24.40 -0.93 -6.52
C LEU A 1 -23.25 -0.04 -6.99
N LYS A 2 -22.16 -0.06 -6.25
CA LYS A 2 -20.96 0.68 -6.64
C LYS A 2 -19.81 -0.29 -6.82
N ASN A 3 -19.40 -0.50 -8.07
CA ASN A 3 -18.38 -1.48 -8.39
C ASN A 3 -16.99 -1.03 -7.96
N LYS A 4 -16.88 0.21 -7.52
CA LYS A 4 -15.60 0.76 -7.12
C LYS A 4 -14.94 -0.08 -6.03
N LEU A 5 -15.67 -0.30 -4.93
CA LEU A 5 -15.13 -1.04 -3.79
C LEU A 5 -14.77 -2.48 -4.16
N LYS A 6 -15.41 -2.96 -5.22
CA LYS A 6 -15.20 -4.34 -5.67
C LYS A 6 -13.98 -4.46 -6.57
N VAL A 7 -13.94 -3.61 -7.57
CA VAL A 7 -12.95 -3.75 -8.63
C VAL A 7 -11.86 -2.68 -8.55
N ARG A 8 -12.25 -1.42 -8.45
CA ARG A 8 -11.29 -0.31 -8.49
C ARG A 8 -10.53 -0.16 -7.17
N THR A 9 -11.23 -0.33 -6.05
CA THR A 9 -10.59 -0.25 -4.75
C THR A 9 -9.63 -1.42 -4.56
N ALA A 10 -10.01 -2.58 -5.07
CA ALA A 10 -9.17 -3.78 -4.99
C ALA A 10 -8.07 -3.73 -6.05
N TYR A 11 -7.98 -2.60 -6.73
CA TYR A 11 -6.97 -2.35 -7.72
C TYR A 11 -5.85 -1.48 -7.10
N PRO A 12 -4.90 -0.90 -7.89
CA PRO A 12 -3.81 -0.06 -7.35
C PRO A 12 -4.22 0.90 -6.22
N SER A 13 -5.49 1.26 -6.17
CA SER A 13 -6.03 2.08 -5.09
C SER A 13 -5.53 1.58 -3.73
N LEU A 14 -5.87 0.35 -3.36
CA LEU A 14 -5.26 -0.23 -2.16
C LEU A 14 -4.04 -1.08 -2.54
N ARG A 15 -4.11 -1.74 -3.69
CA ARG A 15 -3.06 -2.69 -4.07
C ARG A 15 -1.71 -2.00 -4.24
N LEU A 16 -1.72 -0.80 -4.80
CA LEU A 16 -0.48 -0.07 -5.02
C LEU A 16 -0.12 0.73 -3.79
N ILE A 17 -1.13 1.37 -3.19
CA ILE A 17 -0.93 2.15 -1.98
C ILE A 17 -0.37 1.30 -0.85
N HIS A 18 -0.98 0.16 -0.59
CA HIS A 18 -0.52 -0.73 0.47
C HIS A 18 0.90 -1.21 0.19
N ALA A 19 1.20 -1.41 -1.08
CA ALA A 19 2.52 -1.91 -1.49
C ALA A 19 3.59 -0.84 -1.34
N VAL A 20 3.28 0.38 -1.78
CA VAL A 20 4.25 1.46 -1.69
C VAL A 20 4.48 1.86 -0.23
N ARG A 21 3.50 1.59 0.62
CA ARG A 21 3.69 1.82 2.05
C ARG A 21 4.81 0.92 2.54
N GLY A 22 4.78 -0.33 2.11
CA GLY A 22 5.81 -1.28 2.47
C GLY A 22 7.15 -0.89 1.87
N TYR A 23 7.09 -0.27 0.71
CA TYR A 23 8.30 0.23 0.04
C TYR A 23 8.90 1.35 0.87
N TRP A 24 8.05 2.28 1.26
CA TRP A 24 8.45 3.42 2.07
C TRP A 24 9.09 2.98 3.38
N LEU A 25 8.49 1.97 3.99
CA LEU A 25 8.95 1.44 5.27
C LEU A 25 10.37 0.89 5.18
N THR A 26 10.73 0.37 4.03
CA THR A 26 12.04 -0.23 3.85
C THR A 26 13.07 0.76 3.31
N ASN A 27 12.67 2.02 3.11
CA ASN A 27 13.55 2.98 2.47
C ASN A 27 14.30 3.86 3.46
N LYS A 28 13.61 4.81 4.08
CA LYS A 28 14.29 5.79 4.91
C LYS A 28 13.98 5.60 6.38
N VAL A 29 12.84 4.98 6.65
CA VAL A 29 12.40 4.79 8.02
C VAL A 29 12.82 3.40 8.51
N PRO A 30 13.49 3.36 9.67
CA PRO A 30 13.98 2.10 10.24
C PRO A 30 12.83 1.15 10.59
N ILE A 31 12.84 -0.02 9.95
CA ILE A 31 11.85 -1.04 10.23
C ILE A 31 12.21 -1.81 11.50
N LYS A 32 11.74 -3.05 11.62
CA LYS A 32 12.00 -3.84 12.82
C LYS A 32 13.49 -4.07 13.02
N ARG A 33 14.22 -4.00 11.93
CA ARG A 33 15.64 -4.25 11.95
C ARG A 33 16.41 -2.93 12.02
N PRO A 34 17.64 -2.92 12.52
CA PRO A 34 18.44 -1.69 12.62
C PRO A 34 18.59 -0.99 11.28
N SER A 35 18.92 -1.75 10.25
CA SER A 35 19.15 -1.21 8.93
C SER A 35 18.74 -2.19 7.85
N LEU A 1 -22.72 3.41 -10.69
CA LEU A 1 -22.61 2.96 -9.28
C LEU A 1 -21.70 3.90 -8.51
N LYS A 2 -22.22 4.50 -7.45
CA LYS A 2 -21.47 5.43 -6.63
C LYS A 2 -20.61 4.68 -5.62
N ASN A 3 -20.98 3.45 -5.37
CA ASN A 3 -20.34 2.62 -4.34
C ASN A 3 -19.05 1.98 -4.87
N LYS A 4 -18.45 2.61 -5.89
CA LYS A 4 -17.22 2.10 -6.49
C LYS A 4 -16.07 2.09 -5.51
N LEU A 5 -16.19 2.88 -4.46
CA LEU A 5 -15.14 2.99 -3.45
C LEU A 5 -14.98 1.70 -2.67
N LYS A 6 -15.94 0.80 -2.81
CA LYS A 6 -15.89 -0.49 -2.14
C LYS A 6 -15.19 -1.53 -2.99
N VAL A 7 -15.62 -1.66 -4.22
CA VAL A 7 -15.21 -2.77 -5.07
C VAL A 7 -14.24 -2.33 -6.17
N ARG A 8 -14.45 -1.15 -6.74
CA ARG A 8 -13.61 -0.68 -7.83
C ARG A 8 -12.24 -0.26 -7.30
N THR A 9 -12.21 0.19 -6.06
CA THR A 9 -10.96 0.64 -5.43
C THR A 9 -10.01 -0.53 -5.13
N ALA A 10 -10.46 -1.74 -5.47
CA ALA A 10 -9.68 -2.95 -5.23
C ALA A 10 -8.56 -3.13 -6.25
N TYR A 11 -8.38 -2.13 -7.10
CA TYR A 11 -7.28 -2.10 -8.06
C TYR A 11 -6.11 -1.29 -7.45
N PRO A 12 -5.08 -0.82 -8.23
CA PRO A 12 -3.88 -0.13 -7.69
C PRO A 12 -4.13 0.86 -6.54
N SER A 13 -5.33 1.43 -6.45
CA SER A 13 -5.69 2.30 -5.34
C SER A 13 -5.20 1.75 -4.00
N LEU A 14 -5.72 0.61 -3.58
CA LEU A 14 -5.24 -0.02 -2.36
C LEU A 14 -4.13 -1.01 -2.68
N ARG A 15 -4.20 -1.64 -3.85
CA ARG A 15 -3.25 -2.67 -4.23
C ARG A 15 -1.82 -2.15 -4.28
N LEU A 16 -1.67 -0.93 -4.75
CA LEU A 16 -0.36 -0.30 -4.88
C LEU A 16 -0.02 0.46 -3.60
N ILE A 17 -0.98 1.21 -3.08
CA ILE A 17 -0.77 2.02 -1.89
C ILE A 17 -0.40 1.16 -0.68
N HIS A 18 -1.13 0.08 -0.46
CA HIS A 18 -0.84 -0.82 0.66
C HIS A 18 0.57 -1.41 0.50
N ALA A 19 1.03 -1.50 -0.74
CA ALA A 19 2.34 -2.06 -1.05
C ALA A 19 3.43 -1.01 -0.93
N VAL A 20 3.15 0.21 -1.39
CA VAL A 20 4.12 1.28 -1.30
C VAL A 20 4.40 1.64 0.15
N ARG A 21 3.48 1.28 1.03
CA ARG A 21 3.70 1.48 2.45
C ARG A 21 4.89 0.64 2.90
N GLY A 22 4.93 -0.58 2.39
CA GLY A 22 6.03 -1.48 2.66
C GLY A 22 7.31 -1.00 2.02
N TYR A 23 7.17 -0.38 0.85
CA TYR A 23 8.30 0.22 0.15
C TYR A 23 8.86 1.38 0.97
N TRP A 24 7.97 2.26 1.39
CA TRP A 24 8.32 3.42 2.20
C TRP A 24 9.11 3.00 3.43
N LEU A 25 8.65 1.92 4.07
CA LEU A 25 9.30 1.38 5.25
C LEU A 25 10.73 0.94 4.96
N THR A 26 10.99 0.51 3.74
CA THR A 26 12.31 0.04 3.38
C THR A 26 13.18 1.16 2.80
N ASN A 27 12.65 2.38 2.75
CA ASN A 27 13.37 3.49 2.16
C ASN A 27 13.87 4.49 3.20
N LYS A 28 12.94 5.24 3.78
CA LYS A 28 13.29 6.34 4.66
C LYS A 28 13.34 5.91 6.10
N VAL A 29 12.63 4.84 6.41
CA VAL A 29 12.50 4.37 7.78
C VAL A 29 13.47 3.22 8.03
N PRO A 30 13.99 3.10 9.26
CA PRO A 30 14.93 2.04 9.63
C PRO A 30 14.30 0.64 9.52
N ILE A 31 15.00 -0.27 8.87
CA ILE A 31 14.51 -1.62 8.66
C ILE A 31 15.15 -2.57 9.68
N LYS A 32 15.69 -3.67 9.19
CA LYS A 32 16.41 -4.64 10.01
C LYS A 32 17.51 -3.94 10.78
N ARG A 33 18.19 -3.07 10.08
CA ARG A 33 19.23 -2.25 10.66
C ARG A 33 18.68 -0.85 10.92
N PRO A 34 19.16 -0.17 11.98
CA PRO A 34 18.65 1.14 12.37
C PRO A 34 19.17 2.28 11.48
N SER A 35 19.92 1.93 10.44
CA SER A 35 20.46 2.91 9.51
C SER A 35 20.59 2.30 8.12
N LEU A 1 -22.58 -1.42 -14.65
CA LEU A 1 -21.13 -1.24 -14.49
C LEU A 1 -20.80 -0.39 -13.27
N LYS A 2 -21.77 -0.29 -12.35
CA LYS A 2 -21.59 0.47 -11.12
C LYS A 2 -20.68 -0.28 -10.15
N ASN A 3 -20.40 -1.53 -10.48
CA ASN A 3 -19.55 -2.39 -9.65
C ASN A 3 -18.14 -1.83 -9.52
N LYS A 4 -17.79 -0.89 -10.40
CA LYS A 4 -16.47 -0.26 -10.34
C LYS A 4 -16.28 0.48 -9.03
N LEU A 5 -17.38 0.93 -8.43
CA LEU A 5 -17.33 1.62 -7.15
C LEU A 5 -16.89 0.63 -6.07
N LYS A 6 -17.42 -0.58 -6.14
CA LYS A 6 -17.16 -1.61 -5.14
C LYS A 6 -15.72 -2.08 -5.19
N VAL A 7 -15.33 -2.55 -6.35
CA VAL A 7 -14.08 -3.29 -6.49
C VAL A 7 -12.86 -2.37 -6.71
N ARG A 8 -13.11 -1.08 -6.87
CA ARG A 8 -12.04 -0.11 -7.11
C ARG A 8 -11.03 -0.09 -5.96
N THR A 9 -11.50 -0.38 -4.76
CA THR A 9 -10.63 -0.38 -3.59
C THR A 9 -9.59 -1.49 -3.69
N ALA A 10 -9.99 -2.64 -4.23
CA ALA A 10 -9.12 -3.81 -4.34
C ALA A 10 -8.19 -3.72 -5.54
N TYR A 11 -8.19 -2.57 -6.17
CA TYR A 11 -7.28 -2.28 -7.26
C TYR A 11 -6.13 -1.39 -6.75
N PRO A 12 -5.30 -0.72 -7.62
CA PRO A 12 -4.14 0.07 -7.16
C PRO A 12 -4.38 0.94 -5.93
N SER A 13 -5.64 1.29 -5.70
CA SER A 13 -6.04 2.00 -4.49
C SER A 13 -5.37 1.40 -3.24
N LEU A 14 -5.65 0.13 -2.94
CA LEU A 14 -4.91 -0.53 -1.88
C LEU A 14 -3.72 -1.31 -2.45
N ARG A 15 -3.88 -1.86 -3.66
CA ARG A 15 -2.85 -2.71 -4.26
C ARG A 15 -1.55 -1.96 -4.43
N LEU A 16 -1.64 -0.76 -4.98
CA LEU A 16 -0.46 0.03 -5.28
C LEU A 16 0.02 0.74 -4.03
N ILE A 17 -0.93 1.29 -3.29
CA ILE A 17 -0.64 2.01 -2.06
C ILE A 17 0.03 1.09 -1.03
N HIS A 18 -0.59 -0.03 -0.70
CA HIS A 18 -0.04 -0.94 0.31
C HIS A 18 1.36 -1.39 -0.09
N ALA A 19 1.57 -1.53 -1.38
CA ALA A 19 2.87 -1.92 -1.92
C ALA A 19 3.90 -0.83 -1.71
N VAL A 20 3.61 0.37 -2.20
CA VAL A 20 4.56 1.47 -2.12
C VAL A 20 4.70 1.98 -0.69
N ARG A 21 3.65 1.84 0.11
CA ARG A 21 3.72 2.22 1.50
C ARG A 21 4.63 1.25 2.24
N GLY A 22 4.67 0.01 1.76
CA GLY A 22 5.60 -0.97 2.28
C GLY A 22 7.00 -0.69 1.76
N TYR A 23 7.08 -0.21 0.53
CA TYR A 23 8.35 0.20 -0.05
C TYR A 23 8.93 1.33 0.79
N TRP A 24 8.07 2.28 1.11
CA TRP A 24 8.44 3.43 1.91
C TRP A 24 9.00 3.03 3.28
N LEU A 25 8.25 2.20 3.99
CA LEU A 25 8.56 1.90 5.37
C LEU A 25 9.85 1.10 5.49
N THR A 26 10.18 0.40 4.43
CA THR A 26 11.38 -0.40 4.39
C THR A 26 12.57 0.39 3.83
N ASN A 27 12.31 1.63 3.45
CA ASN A 27 13.33 2.48 2.84
C ASN A 27 13.77 3.60 3.76
N LYS A 28 12.89 4.58 3.95
CA LYS A 28 13.21 5.79 4.68
C LYS A 28 12.88 5.63 6.15
N VAL A 29 11.83 4.87 6.40
CA VAL A 29 11.24 4.79 7.72
C VAL A 29 11.98 3.80 8.60
N PRO A 30 12.18 4.15 9.86
CA PRO A 30 12.80 3.28 10.85
C PRO A 30 11.83 2.24 11.38
N ILE A 31 12.15 0.98 11.14
CA ILE A 31 11.40 -0.12 11.72
C ILE A 31 11.96 -0.41 13.11
N LYS A 32 12.69 -1.49 13.22
CA LYS A 32 13.41 -1.79 14.45
C LYS A 32 14.85 -1.33 14.35
N ARG A 33 15.29 -1.13 13.13
CA ARG A 33 16.63 -0.63 12.86
C ARG A 33 16.57 0.86 12.53
N PRO A 34 17.69 1.60 12.62
CA PRO A 34 17.75 3.03 12.31
C PRO A 34 16.98 3.41 11.05
N SER A 35 17.19 2.68 9.97
CA SER A 35 16.47 2.91 8.74
C SER A 35 16.04 1.59 8.13
N LEU A 1 -28.15 -4.31 -7.19
CA LEU A 1 -26.88 -3.87 -6.57
C LEU A 1 -25.74 -4.03 -7.55
N LYS A 2 -24.63 -3.36 -7.28
CA LYS A 2 -23.45 -3.47 -8.11
C LYS A 2 -22.26 -3.88 -7.25
N ASN A 3 -21.39 -4.71 -7.80
CA ASN A 3 -20.21 -5.17 -7.09
C ASN A 3 -18.95 -4.54 -7.68
N LYS A 4 -19.14 -3.44 -8.40
CA LYS A 4 -18.05 -2.76 -9.08
C LYS A 4 -17.14 -2.05 -8.09
N LEU A 5 -17.74 -1.22 -7.22
CA LEU A 5 -16.98 -0.48 -6.22
C LEU A 5 -16.49 -1.43 -5.13
N LYS A 6 -17.14 -2.57 -5.03
CA LYS A 6 -16.74 -3.61 -4.09
C LYS A 6 -15.36 -4.15 -4.42
N VAL A 7 -15.01 -4.14 -5.68
CA VAL A 7 -13.72 -4.66 -6.11
C VAL A 7 -12.82 -3.52 -6.61
N ARG A 8 -13.39 -2.33 -6.71
CA ARG A 8 -12.68 -1.16 -7.24
C ARG A 8 -11.48 -0.80 -6.36
N THR A 9 -11.67 -0.86 -5.06
CA THR A 9 -10.61 -0.50 -4.13
C THR A 9 -9.51 -1.57 -4.14
N ALA A 10 -9.88 -2.80 -4.49
CA ALA A 10 -8.95 -3.92 -4.52
C ALA A 10 -8.04 -3.87 -5.74
N TYR A 11 -8.05 -2.72 -6.40
CA TYR A 11 -7.16 -2.45 -7.50
C TYR A 11 -6.00 -1.57 -7.00
N PRO A 12 -5.18 -0.92 -7.88
CA PRO A 12 -4.04 -0.09 -7.43
C PRO A 12 -4.40 0.89 -6.32
N SER A 13 -5.68 1.14 -6.14
CA SER A 13 -6.18 1.90 -5.00
C SER A 13 -5.50 1.49 -3.70
N LEU A 14 -5.80 0.31 -3.20
CA LEU A 14 -5.06 -0.20 -2.05
C LEU A 14 -3.90 -1.08 -2.49
N ARG A 15 -4.02 -1.72 -3.65
CA ARG A 15 -2.99 -2.66 -4.10
C ARG A 15 -1.65 -1.95 -4.33
N LEU A 16 -1.70 -0.73 -4.83
CA LEU A 16 -0.47 0.02 -5.09
C LEU A 16 -0.06 0.80 -3.87
N ILE A 17 -1.04 1.42 -3.21
CA ILE A 17 -0.78 2.17 -1.98
C ILE A 17 -0.16 1.27 -0.90
N HIS A 18 -0.78 0.12 -0.65
CA HIS A 18 -0.27 -0.81 0.36
C HIS A 18 1.15 -1.24 0.02
N ALA A 19 1.41 -1.40 -1.28
CA ALA A 19 2.72 -1.79 -1.76
C ALA A 19 3.75 -0.72 -1.49
N VAL A 20 3.44 0.51 -1.91
CA VAL A 20 4.38 1.60 -1.75
C VAL A 20 4.54 2.01 -0.29
N ARG A 21 3.52 1.77 0.51
CA ARG A 21 3.63 2.01 1.95
C ARG A 21 4.66 1.07 2.53
N GLY A 22 4.69 -0.15 1.99
CA GLY A 22 5.68 -1.12 2.41
C GLY A 22 7.04 -0.80 1.85
N TYR A 23 7.05 -0.23 0.64
CA TYR A 23 8.28 0.23 0.02
C TYR A 23 8.90 1.32 0.87
N TRP A 24 8.08 2.30 1.21
CA TRP A 24 8.48 3.42 2.06
C TRP A 24 9.08 2.94 3.36
N LEU A 25 8.40 1.97 3.99
CA LEU A 25 8.81 1.44 5.29
C LEU A 25 10.26 0.97 5.30
N THR A 26 10.65 0.28 4.25
CA THR A 26 11.96 -0.33 4.21
C THR A 26 13.01 0.61 3.59
N ASN A 27 12.61 1.81 3.24
CA ASN A 27 13.49 2.73 2.53
C ASN A 27 13.90 3.94 3.38
N LYS A 28 12.97 4.84 3.60
CA LYS A 28 13.28 6.14 4.16
C LYS A 28 13.02 6.20 5.66
N VAL A 29 12.13 5.36 6.12
CA VAL A 29 11.73 5.37 7.53
C VAL A 29 12.43 4.25 8.30
N PRO A 30 13.09 4.62 9.42
CA PRO A 30 13.79 3.66 10.27
C PRO A 30 12.84 2.70 10.98
N ILE A 31 12.98 1.42 10.70
CA ILE A 31 12.16 0.40 11.35
C ILE A 31 13.00 -0.46 12.26
N LYS A 32 14.02 -1.02 11.67
CA LYS A 32 14.99 -1.84 12.40
C LYS A 32 16.22 -1.01 12.74
N ARG A 33 16.25 0.20 12.21
CA ARG A 33 17.30 1.14 12.51
C ARG A 33 16.79 2.15 13.53
N PRO A 34 17.64 2.53 14.51
CA PRO A 34 17.29 3.56 15.50
C PRO A 34 16.94 4.88 14.84
N SER A 35 17.63 5.18 13.74
CA SER A 35 17.39 6.38 12.96
C SER A 35 18.22 6.31 11.69
N LEU A 1 -21.60 4.74 -12.25
CA LEU A 1 -22.51 3.94 -11.41
C LEU A 1 -22.63 2.53 -11.96
N LYS A 2 -21.69 1.68 -11.57
CA LYS A 2 -21.66 0.29 -12.01
C LYS A 2 -21.37 -0.62 -10.82
N ASN A 3 -21.83 -1.86 -10.91
CA ASN A 3 -21.67 -2.83 -9.81
C ASN A 3 -20.23 -3.30 -9.68
N LYS A 4 -19.38 -2.87 -10.60
CA LYS A 4 -17.95 -3.15 -10.51
C LYS A 4 -17.32 -2.28 -9.42
N LEU A 5 -18.12 -1.36 -8.89
CA LEU A 5 -17.68 -0.46 -7.83
C LEU A 5 -17.32 -1.24 -6.56
N LYS A 6 -17.99 -2.36 -6.36
CA LYS A 6 -17.77 -3.19 -5.16
C LYS A 6 -16.31 -3.62 -5.03
N VAL A 7 -15.71 -4.01 -6.15
CA VAL A 7 -14.35 -4.49 -6.16
C VAL A 7 -13.43 -3.47 -6.84
N ARG A 8 -13.92 -2.24 -6.96
CA ARG A 8 -13.20 -1.19 -7.68
C ARG A 8 -11.94 -0.77 -6.94
N THR A 9 -12.04 -0.60 -5.63
CA THR A 9 -10.89 -0.13 -4.84
C THR A 9 -9.79 -1.18 -4.80
N ALA A 10 -10.14 -2.42 -5.16
CA ALA A 10 -9.23 -3.56 -5.04
C ALA A 10 -8.16 -3.58 -6.13
N TYR A 11 -8.12 -2.54 -6.95
CA TYR A 11 -7.06 -2.39 -7.95
C TYR A 11 -6.00 -1.40 -7.41
N PRO A 12 -5.07 -0.80 -8.23
CA PRO A 12 -3.98 0.07 -7.74
C PRO A 12 -4.30 0.96 -6.53
N SER A 13 -5.55 1.40 -6.40
CA SER A 13 -5.99 2.21 -5.25
C SER A 13 -5.39 1.71 -3.94
N LEU A 14 -5.82 0.55 -3.47
CA LEU A 14 -5.26 -0.01 -2.26
C LEU A 14 -4.08 -0.93 -2.58
N ARG A 15 -4.09 -1.52 -3.76
CA ARG A 15 -3.04 -2.46 -4.15
C ARG A 15 -1.68 -1.76 -4.17
N LEU A 16 -1.64 -0.60 -4.78
CA LEU A 16 -0.40 0.15 -4.92
C LEU A 16 -0.05 0.84 -3.60
N ILE A 17 -1.05 1.45 -2.98
CA ILE A 17 -0.85 2.16 -1.73
C ILE A 17 -0.39 1.23 -0.60
N HIS A 18 -1.07 0.09 -0.44
CA HIS A 18 -0.71 -0.85 0.62
C HIS A 18 0.69 -1.43 0.38
N ALA A 19 1.04 -1.59 -0.88
CA ALA A 19 2.33 -2.15 -1.25
C ALA A 19 3.44 -1.13 -1.09
N VAL A 20 3.21 0.08 -1.58
CA VAL A 20 4.23 1.13 -1.52
C VAL A 20 4.52 1.50 -0.07
N ARG A 21 3.58 1.23 0.83
CA ARG A 21 3.83 1.48 2.24
C ARG A 21 4.90 0.52 2.74
N GLY A 22 4.82 -0.73 2.27
CA GLY A 22 5.84 -1.71 2.60
C GLY A 22 7.17 -1.37 1.96
N TYR A 23 7.11 -0.61 0.89
CA TYR A 23 8.30 -0.13 0.21
C TYR A 23 8.89 1.05 0.96
N TRP A 24 8.03 2.02 1.26
CA TRP A 24 8.39 3.24 1.96
C TRP A 24 9.10 2.94 3.27
N LEU A 25 8.59 1.96 3.99
CA LEU A 25 9.13 1.56 5.28
C LEU A 25 10.60 1.16 5.19
N THR A 26 11.01 0.68 4.03
CA THR A 26 12.38 0.24 3.83
C THR A 26 13.26 1.37 3.27
N ASN A 27 12.63 2.48 2.88
CA ASN A 27 13.34 3.52 2.14
C ASN A 27 14.12 4.47 3.04
N LYS A 28 13.42 5.34 3.76
CA LYS A 28 14.09 6.38 4.54
C LYS A 28 14.06 6.06 6.02
N VAL A 29 13.10 5.25 6.41
CA VAL A 29 12.93 4.87 7.80
C VAL A 29 13.69 3.56 8.08
N PRO A 30 14.47 3.54 9.17
CA PRO A 30 15.26 2.36 9.55
C PRO A 30 14.40 1.11 9.73
N ILE A 31 14.81 0.04 9.08
CA ILE A 31 14.15 -1.24 9.16
C ILE A 31 14.63 -2.03 10.36
N LYS A 32 14.64 -3.35 10.25
CA LYS A 32 15.08 -4.22 11.33
C LYS A 32 16.61 -4.15 11.52
N ARG A 33 17.25 -3.30 10.73
CA ARG A 33 18.69 -3.08 10.86
C ARG A 33 18.93 -1.83 11.69
N PRO A 34 20.02 -1.79 12.47
CA PRO A 34 20.35 -0.65 13.32
C PRO A 34 20.32 0.67 12.56
N SER A 35 21.10 0.75 11.49
CA SER A 35 21.20 1.96 10.69
C SER A 35 21.66 1.62 9.28
N LEU A 1 -19.47 -1.59 3.71
CA LEU A 1 -19.73 -0.48 2.77
C LEU A 1 -20.39 -0.99 1.49
N LYS A 2 -19.61 -1.73 0.69
CA LYS A 2 -20.12 -2.26 -0.57
C LYS A 2 -19.27 -3.47 -0.98
N ASN A 3 -19.93 -4.54 -1.39
CA ASN A 3 -19.27 -5.82 -1.64
C ASN A 3 -18.38 -5.76 -2.87
N LYS A 4 -18.63 -4.78 -3.73
CA LYS A 4 -17.82 -4.60 -4.94
C LYS A 4 -16.38 -4.23 -4.58
N LEU A 5 -16.19 -3.69 -3.38
CA LEU A 5 -14.88 -3.24 -2.93
C LEU A 5 -13.91 -4.42 -2.82
N LYS A 6 -14.47 -5.61 -2.62
CA LYS A 6 -13.68 -6.82 -2.45
C LYS A 6 -12.91 -7.18 -3.72
N VAL A 7 -13.52 -6.97 -4.87
CA VAL A 7 -12.90 -7.36 -6.13
C VAL A 7 -12.52 -6.13 -6.97
N ARG A 8 -13.40 -5.15 -7.04
CA ARG A 8 -13.21 -4.00 -7.91
C ARG A 8 -12.16 -3.05 -7.34
N THR A 9 -12.30 -2.73 -6.06
CA THR A 9 -11.40 -1.80 -5.40
C THR A 9 -10.12 -2.51 -4.95
N ALA A 10 -10.03 -3.80 -5.26
CA ALA A 10 -8.88 -4.61 -4.89
C ALA A 10 -7.73 -4.45 -5.88
N TYR A 11 -7.84 -3.42 -6.70
CA TYR A 11 -6.82 -3.09 -7.70
C TYR A 11 -5.92 -1.93 -7.18
N PRO A 12 -5.09 -1.25 -8.03
CA PRO A 12 -4.09 -0.23 -7.59
C PRO A 12 -4.52 0.72 -6.45
N SER A 13 -5.81 0.98 -6.31
CA SER A 13 -6.30 1.88 -5.25
C SER A 13 -5.62 1.59 -3.90
N LEU A 14 -5.92 0.47 -3.29
CA LEU A 14 -5.22 0.10 -2.07
C LEU A 14 -4.01 -0.75 -2.38
N ARG A 15 -4.02 -1.44 -3.51
CA ARG A 15 -2.93 -2.35 -3.84
C ARG A 15 -1.62 -1.58 -4.00
N LEU A 16 -1.68 -0.48 -4.72
CA LEU A 16 -0.51 0.33 -4.99
C LEU A 16 -0.10 1.10 -3.74
N ILE A 17 -1.10 1.67 -3.06
CA ILE A 17 -0.88 2.40 -1.83
C ILE A 17 -0.29 1.50 -0.75
N HIS A 18 -0.88 0.31 -0.58
CA HIS A 18 -0.41 -0.65 0.42
C HIS A 18 1.02 -1.10 0.10
N ALA A 19 1.29 -1.29 -1.17
CA ALA A 19 2.60 -1.76 -1.62
C ALA A 19 3.67 -0.70 -1.41
N VAL A 20 3.37 0.53 -1.83
CA VAL A 20 4.33 1.62 -1.69
C VAL A 20 4.56 1.95 -0.22
N ARG A 21 3.57 1.64 0.62
CA ARG A 21 3.74 1.82 2.06
C ARG A 21 4.83 0.88 2.56
N GLY A 22 4.84 -0.33 2.02
CA GLY A 22 5.88 -1.29 2.35
C GLY A 22 7.21 -0.87 1.76
N TYR A 23 7.15 -0.24 0.58
CA TYR A 23 8.32 0.34 -0.05
C TYR A 23 8.91 1.40 0.87
N TRP A 24 8.07 2.33 1.28
CA TRP A 24 8.45 3.40 2.18
C TRP A 24 9.11 2.86 3.44
N LEU A 25 8.45 1.89 4.07
CA LEU A 25 8.90 1.32 5.34
C LEU A 25 10.32 0.77 5.25
N THR A 26 10.66 0.18 4.12
CA THR A 26 11.95 -0.46 3.97
C THR A 26 12.99 0.51 3.41
N ASN A 27 12.56 1.72 3.07
CA ASN A 27 13.45 2.68 2.41
C ASN A 27 13.80 3.87 3.30
N LYS A 28 12.82 4.73 3.52
CA LYS A 28 13.05 6.02 4.18
C LYS A 28 12.92 5.91 5.69
N VAL A 29 12.19 4.90 6.12
CA VAL A 29 11.94 4.72 7.54
C VAL A 29 12.91 3.67 8.09
N PRO A 30 13.37 3.86 9.35
CA PRO A 30 14.31 2.95 9.99
C PRO A 30 13.75 1.54 10.15
N ILE A 31 14.42 0.57 9.54
CA ILE A 31 14.07 -0.82 9.68
C ILE A 31 14.66 -1.37 10.98
N LYS A 32 14.91 -2.68 11.04
CA LYS A 32 15.53 -3.26 12.23
C LYS A 32 17.00 -2.87 12.30
N ARG A 33 17.46 -2.35 11.19
CA ARG A 33 18.79 -1.77 11.09
C ARG A 33 18.68 -0.25 11.16
N PRO A 34 19.57 0.41 11.91
CA PRO A 34 19.50 1.86 12.15
C PRO A 34 19.72 2.69 10.87
N SER A 35 20.20 2.05 9.83
CA SER A 35 20.43 2.70 8.55
C SER A 35 20.26 1.70 7.43
N LEU A 1 -21.38 4.13 -1.98
CA LEU A 1 -21.61 5.21 -2.96
C LEU A 1 -20.54 5.18 -4.04
N LYS A 2 -20.99 5.28 -5.30
CA LYS A 2 -20.11 5.24 -6.46
C LYS A 2 -19.42 3.88 -6.56
N ASN A 3 -20.11 2.95 -7.21
CA ASN A 3 -19.64 1.56 -7.32
C ASN A 3 -18.31 1.47 -8.03
N LYS A 4 -18.01 2.45 -8.88
CA LYS A 4 -16.73 2.51 -9.57
C LYS A 4 -15.60 2.56 -8.54
N LEU A 5 -15.73 3.46 -7.57
CA LEU A 5 -14.73 3.61 -6.53
C LEU A 5 -14.70 2.40 -5.62
N LYS A 6 -15.88 1.86 -5.34
CA LYS A 6 -16.02 0.64 -4.55
C LYS A 6 -15.09 -0.44 -5.05
N VAL A 7 -15.27 -0.81 -6.29
CA VAL A 7 -14.51 -1.90 -6.88
C VAL A 7 -13.08 -1.46 -7.22
N ARG A 8 -12.90 -0.17 -7.49
CA ARG A 8 -11.58 0.37 -7.81
C ARG A 8 -10.67 0.32 -6.58
N THR A 9 -11.28 0.30 -5.40
CA THR A 9 -10.52 0.26 -4.16
C THR A 9 -9.65 -1.00 -4.08
N ALA A 10 -10.19 -2.11 -4.58
CA ALA A 10 -9.50 -3.40 -4.53
C ALA A 10 -8.38 -3.48 -5.58
N TYR A 11 -8.26 -2.42 -6.36
CA TYR A 11 -7.23 -2.30 -7.37
C TYR A 11 -6.11 -1.36 -6.84
N PRO A 12 -5.18 -0.78 -7.70
CA PRO A 12 -4.04 0.03 -7.22
C PRO A 12 -4.33 0.95 -6.04
N SER A 13 -5.57 1.38 -5.90
CA SER A 13 -6.00 2.15 -4.75
C SER A 13 -5.44 1.57 -3.44
N LEU A 14 -5.76 0.31 -3.13
CA LEU A 14 -5.09 -0.36 -2.04
C LEU A 14 -3.90 -1.19 -2.53
N ARG A 15 -4.03 -1.77 -3.73
CA ARG A 15 -3.02 -2.70 -4.25
C ARG A 15 -1.67 -2.01 -4.42
N LEU A 16 -1.69 -0.78 -4.90
CA LEU A 16 -0.46 -0.05 -5.18
C LEU A 16 -0.02 0.68 -3.93
N ILE A 17 -0.98 1.28 -3.23
CA ILE A 17 -0.71 2.01 -2.00
C ILE A 17 -0.10 1.10 -0.93
N HIS A 18 -0.76 -0.03 -0.64
CA HIS A 18 -0.25 -0.95 0.38
C HIS A 18 1.16 -1.42 0.03
N ALA A 19 1.43 -1.51 -1.26
CA ALA A 19 2.73 -1.95 -1.75
C ALA A 19 3.78 -0.86 -1.56
N VAL A 20 3.47 0.34 -2.04
CA VAL A 20 4.43 1.44 -1.94
C VAL A 20 4.60 1.87 -0.50
N ARG A 21 3.59 1.65 0.34
CA ARG A 21 3.74 1.93 1.76
C ARG A 21 4.83 1.03 2.32
N GLY A 22 4.81 -0.24 1.88
CA GLY A 22 5.84 -1.17 2.30
C GLY A 22 7.20 -0.78 1.76
N TYR A 23 7.19 -0.23 0.54
CA TYR A 23 8.42 0.27 -0.07
C TYR A 23 8.97 1.41 0.77
N TRP A 24 8.12 2.37 1.07
CA TRP A 24 8.48 3.54 1.86
C TRP A 24 9.01 3.14 3.23
N LEU A 25 8.29 2.23 3.89
CA LEU A 25 8.62 1.80 5.24
C LEU A 25 10.01 1.19 5.33
N THR A 26 10.36 0.42 4.33
CA THR A 26 11.62 -0.30 4.33
C THR A 26 12.76 0.55 3.78
N ASN A 27 12.44 1.78 3.43
CA ASN A 27 13.42 2.67 2.80
C ASN A 27 13.93 3.74 3.76
N LYS A 28 13.08 4.67 4.11
CA LYS A 28 13.49 5.82 4.90
C LYS A 28 13.27 5.58 6.38
N VAL A 29 12.19 4.89 6.69
CA VAL A 29 11.77 4.70 8.07
C VAL A 29 12.50 3.50 8.68
N PRO A 30 12.91 3.62 9.95
CA PRO A 30 13.62 2.54 10.64
C PRO A 30 12.75 1.30 10.80
N ILE A 31 13.20 0.21 10.22
CA ILE A 31 12.53 -1.08 10.33
C ILE A 31 13.29 -1.95 11.33
N LYS A 32 13.32 -3.26 11.10
CA LYS A 32 14.17 -4.14 11.90
C LYS A 32 15.63 -3.76 11.70
N ARG A 33 15.88 -3.15 10.57
CA ARG A 33 17.16 -2.58 10.25
C ARG A 33 17.25 -1.18 10.84
N PRO A 34 18.22 -0.91 11.71
CA PRO A 34 18.38 0.40 12.37
C PRO A 34 18.91 1.48 11.42
N SER A 35 18.47 1.43 10.18
CA SER A 35 18.89 2.38 9.16
C SER A 35 17.96 2.28 7.95
N LEU A 1 -23.40 -1.90 1.65
CA LEU A 1 -24.56 -2.58 1.03
C LEU A 1 -24.09 -3.50 -0.09
N LYS A 2 -23.58 -2.91 -1.16
CA LYS A 2 -23.13 -3.68 -2.32
C LYS A 2 -21.64 -3.95 -2.24
N ASN A 3 -21.25 -5.15 -2.62
CA ASN A 3 -19.85 -5.58 -2.55
C ASN A 3 -19.05 -5.00 -3.70
N LYS A 4 -19.73 -4.31 -4.61
CA LYS A 4 -19.08 -3.74 -5.78
C LYS A 4 -18.05 -2.69 -5.38
N LEU A 5 -18.32 -1.99 -4.28
CA LEU A 5 -17.38 -0.97 -3.78
C LEU A 5 -16.16 -1.63 -3.18
N LYS A 6 -16.38 -2.74 -2.49
CA LYS A 6 -15.30 -3.51 -1.87
C LYS A 6 -14.29 -3.96 -2.92
N VAL A 7 -14.79 -4.62 -3.94
CA VAL A 7 -13.94 -5.18 -4.98
C VAL A 7 -13.42 -4.08 -5.90
N ARG A 8 -14.08 -2.92 -5.89
CA ARG A 8 -13.65 -1.81 -6.71
C ARG A 8 -12.41 -1.16 -6.12
N THR A 9 -12.33 -1.13 -4.80
CA THR A 9 -11.17 -0.53 -4.13
C THR A 9 -9.99 -1.52 -4.16
N ALA A 10 -10.25 -2.72 -4.62
CA ALA A 10 -9.29 -3.82 -4.58
C ALA A 10 -8.27 -3.75 -5.72
N TYR A 11 -8.30 -2.68 -6.48
CA TYR A 11 -7.33 -2.48 -7.53
C TYR A 11 -6.22 -1.51 -7.03
N PRO A 12 -5.36 -0.87 -7.89
CA PRO A 12 -4.22 -0.03 -7.44
C PRO A 12 -4.47 0.83 -6.20
N SER A 13 -5.71 1.23 -5.95
CA SER A 13 -6.09 1.94 -4.73
C SER A 13 -5.35 1.39 -3.51
N LEU A 14 -5.67 0.17 -3.11
CA LEU A 14 -4.94 -0.45 -2.02
C LEU A 14 -3.77 -1.26 -2.53
N ARG A 15 -3.90 -1.80 -3.75
CA ARG A 15 -2.87 -2.68 -4.31
C ARG A 15 -1.55 -1.96 -4.46
N LEU A 16 -1.61 -0.71 -4.88
CA LEU A 16 -0.41 0.07 -5.12
C LEU A 16 0.00 0.81 -3.85
N ILE A 17 -0.98 1.43 -3.21
CA ILE A 17 -0.73 2.20 -1.99
C ILE A 17 -0.13 1.34 -0.88
N HIS A 18 -0.74 0.18 -0.62
CA HIS A 18 -0.24 -0.71 0.44
C HIS A 18 1.16 -1.20 0.11
N ALA A 19 1.43 -1.36 -1.17
CA ALA A 19 2.72 -1.84 -1.64
C ALA A 19 3.79 -0.77 -1.49
N VAL A 20 3.50 0.44 -1.97
CA VAL A 20 4.45 1.53 -1.89
C VAL A 20 4.65 1.96 -0.44
N ARG A 21 3.65 1.72 0.40
CA ARG A 21 3.79 1.99 1.81
C ARG A 21 4.82 1.04 2.41
N GLY A 22 4.76 -0.22 1.99
CA GLY A 22 5.77 -1.18 2.40
C GLY A 22 7.13 -0.82 1.83
N TYR A 23 7.11 -0.19 0.67
CA TYR A 23 8.34 0.30 0.05
C TYR A 23 8.93 1.41 0.89
N TRP A 24 8.10 2.42 1.17
CA TRP A 24 8.49 3.55 1.99
C TRP A 24 9.06 3.10 3.33
N LEU A 25 8.32 2.19 3.99
CA LEU A 25 8.70 1.71 5.31
C LEU A 25 10.06 1.03 5.31
N THR A 26 10.37 0.34 4.25
CA THR A 26 11.61 -0.42 4.17
C THR A 26 12.74 0.41 3.58
N ASN A 27 12.45 1.67 3.25
CA ASN A 27 13.43 2.54 2.62
C ASN A 27 13.90 3.64 3.56
N LYS A 28 13.01 4.60 3.82
CA LYS A 28 13.37 5.81 4.52
C LYS A 28 13.20 5.65 6.02
N VAL A 29 12.20 4.89 6.40
CA VAL A 29 11.82 4.76 7.79
C VAL A 29 12.61 3.63 8.45
N PRO A 30 12.95 3.78 9.75
CA PRO A 30 13.62 2.74 10.52
C PRO A 30 12.67 1.64 10.96
N ILE A 31 13.12 0.39 10.86
CA ILE A 31 12.33 -0.73 11.33
C ILE A 31 12.69 -1.00 12.79
N LYS A 32 12.55 -2.23 13.26
CA LYS A 32 12.90 -2.54 14.64
C LYS A 32 14.40 -2.80 14.74
N ARG A 33 15.00 -3.03 13.59
CA ARG A 33 16.44 -3.20 13.50
C ARG A 33 17.06 -1.90 12.99
N PRO A 34 18.29 -1.57 13.46
CA PRO A 34 19.01 -0.37 13.01
C PRO A 34 19.55 -0.51 11.59
N SER A 35 18.63 -0.54 10.62
CA SER A 35 18.98 -0.63 9.20
C SER A 35 19.62 -1.99 8.88
N LEU A 1 -23.22 -4.18 -11.86
CA LEU A 1 -22.80 -3.04 -11.02
C LEU A 1 -23.55 -3.05 -9.70
N LYS A 2 -23.26 -4.03 -8.86
CA LYS A 2 -23.93 -4.15 -7.57
C LYS A 2 -22.94 -3.99 -6.43
N ASN A 3 -22.01 -4.93 -6.31
CA ASN A 3 -21.04 -4.92 -5.22
C ASN A 3 -19.64 -4.64 -5.75
N LYS A 4 -19.55 -4.03 -6.94
CA LYS A 4 -18.26 -3.83 -7.58
C LYS A 4 -17.46 -2.72 -6.91
N LEU A 5 -18.05 -2.06 -5.91
CA LEU A 5 -17.37 -1.02 -5.17
C LEU A 5 -16.09 -1.58 -4.54
N LYS A 6 -16.20 -2.80 -4.01
CA LYS A 6 -15.07 -3.50 -3.41
C LYS A 6 -13.94 -3.67 -4.39
N VAL A 7 -14.22 -4.37 -5.49
CA VAL A 7 -13.21 -4.69 -6.48
C VAL A 7 -12.74 -3.44 -7.23
N ARG A 8 -13.54 -2.39 -7.20
CA ARG A 8 -13.16 -1.12 -7.81
C ARG A 8 -12.13 -0.42 -6.92
N THR A 9 -12.04 -0.85 -5.68
CA THR A 9 -11.04 -0.32 -4.77
C THR A 9 -9.88 -1.32 -4.63
N ALA A 10 -10.12 -2.55 -5.09
CA ALA A 10 -9.20 -3.66 -4.86
C ALA A 10 -8.09 -3.72 -5.90
N TYR A 11 -8.02 -2.72 -6.74
CA TYR A 11 -6.92 -2.59 -7.67
C TYR A 11 -5.92 -1.54 -7.13
N PRO A 12 -4.97 -0.95 -7.93
CA PRO A 12 -3.91 -0.03 -7.42
C PRO A 12 -4.29 0.89 -6.25
N SER A 13 -5.55 1.30 -6.17
CA SER A 13 -6.02 2.13 -5.07
C SER A 13 -5.52 1.62 -3.72
N LEU A 14 -5.86 0.39 -3.35
CA LEU A 14 -5.28 -0.19 -2.16
C LEU A 14 -4.04 -1.02 -2.51
N ARG A 15 -4.04 -1.65 -3.67
CA ARG A 15 -2.94 -2.55 -4.05
C ARG A 15 -1.62 -1.81 -4.13
N LEU A 16 -1.63 -0.67 -4.81
CA LEU A 16 -0.41 0.10 -5.02
C LEU A 16 -0.05 0.83 -3.74
N ILE A 17 -1.07 1.36 -3.08
CA ILE A 17 -0.88 2.09 -1.83
C ILE A 17 -0.34 1.18 -0.73
N HIS A 18 -0.95 0.01 -0.58
CA HIS A 18 -0.51 -0.95 0.44
C HIS A 18 0.91 -1.42 0.16
N ALA A 19 1.28 -1.42 -1.11
CA ALA A 19 2.61 -1.86 -1.53
C ALA A 19 3.64 -0.76 -1.29
N VAL A 20 3.35 0.44 -1.77
CA VAL A 20 4.28 1.55 -1.65
C VAL A 20 4.49 1.93 -0.19
N ARG A 21 3.52 1.62 0.66
CA ARG A 21 3.69 1.84 2.08
C ARG A 21 4.79 0.93 2.61
N GLY A 22 4.80 -0.30 2.13
CA GLY A 22 5.85 -1.24 2.47
C GLY A 22 7.17 -0.85 1.85
N TYR A 23 7.09 -0.22 0.68
CA TYR A 23 8.25 0.29 -0.01
C TYR A 23 8.87 1.41 0.82
N TRP A 24 8.04 2.38 1.16
CA TRP A 24 8.44 3.51 1.98
C TRP A 24 9.09 3.05 3.29
N LEU A 25 8.44 2.09 3.96
CA LEU A 25 8.89 1.61 5.25
C LEU A 25 10.29 1.01 5.19
N THR A 26 10.61 0.34 4.11
CA THR A 26 11.88 -0.34 3.99
C THR A 26 12.95 0.55 3.36
N ASN A 27 12.57 1.78 3.02
CA ASN A 27 13.46 2.69 2.31
C ASN A 27 13.95 3.81 3.21
N LYS A 28 13.06 4.73 3.53
CA LYS A 28 13.42 5.92 4.28
C LYS A 28 13.54 5.61 5.75
N VAL A 29 12.61 4.82 6.22
CA VAL A 29 12.54 4.46 7.62
C VAL A 29 13.41 3.23 7.90
N PRO A 30 14.15 3.22 9.01
CA PRO A 30 15.06 2.12 9.34
C PRO A 30 14.32 0.84 9.73
N ILE A 31 14.51 -0.20 8.92
CA ILE A 31 14.06 -1.54 9.26
C ILE A 31 15.25 -2.46 9.30
N LYS A 32 15.85 -2.59 8.15
CA LYS A 32 17.15 -3.23 8.00
C LYS A 32 18.18 -2.18 7.62
N ARG A 33 17.76 -0.93 7.70
CA ARG A 33 18.55 0.20 7.21
C ARG A 33 19.33 0.83 8.36
N PRO A 34 20.65 0.96 8.19
CA PRO A 34 21.53 1.62 9.16
C PRO A 34 21.06 3.05 9.46
N SER A 35 20.63 3.73 8.42
CA SER A 35 20.10 5.08 8.53
C SER A 35 19.57 5.51 7.17
#